data_4F5L
#
_entry.id   4F5L
#
_cell.length_a   59.736
_cell.length_b   102.990
_cell.length_c   139.304
_cell.angle_alpha   90.00
_cell.angle_beta   90.00
_cell.angle_gamma   90.00
#
_symmetry.space_group_name_H-M   'P 21 21 21'
#
loop_
_entity.id
_entity.type
_entity.pdbx_description
1 polymer 'Aspartate aminotransferase'
2 non-polymer 1,2-ETHANEDIOL
3 water water
#
_entity_poly.entity_id   1
_entity_poly.type   'polypeptide(L)'
_entity_poly.pdbx_seq_one_letter_code
;MAHHHHHHVGTFENITAAPADPILGLADLFRADERPGKVDLGVGVYKDETGKTPVMTSVKKAEQYLLENETTKTYLGLDG
LPEFGRCTQELLFGKGSALINDKRARTAQTPGGSGALRVAADFLAKNTSVKRVWVSNPTWPNHKAIFNSAGLEVREYAYY
DAENHTLDFDALINSLNEAQAGDVVLFHGCCHNPTGADPTLEQWQTLAQLSVEKGWLPLIDIAYQGFGRGLEEDAEGLRA
FAAMHKELIVASSCS(LLP)NFGLYNERVGACTLVAADSETVDRAFSQMKAAIRANYSSPPAHGASVVATILSNDALRAI
WEQELTDMRQRIQRMRQLFVNTLQEKGANRDFSFIIKQNGMFSFSGLTKEQVLRLREEFGVYAVASGRINVAGMTPDNMA
PLCEAIVAVL
;
_entity_poly.pdbx_strand_id   A,B
#
loop_
_chem_comp.id
_chem_comp.type
_chem_comp.name
_chem_comp.formula
EDO non-polymer 1,2-ETHANEDIOL 'C2 H6 O2'
#
# COMPACT_ATOMS: atom_id res chain seq x y z
N HIS A 8 27.73 -22.17 3.96
CA HIS A 8 27.66 -20.74 4.25
C HIS A 8 26.65 -20.46 5.37
N VAL A 9 27.00 -19.52 6.25
CA VAL A 9 26.12 -19.16 7.35
C VAL A 9 24.93 -18.36 6.84
N GLY A 10 23.83 -18.41 7.57
CA GLY A 10 22.60 -17.76 7.17
C GLY A 10 22.63 -16.24 7.26
N THR A 11 21.96 -15.61 6.30
CA THR A 11 21.79 -14.16 6.31
C THR A 11 20.84 -13.71 7.43
N PHE A 12 19.95 -14.61 7.85
CA PHE A 12 18.94 -14.23 8.84
C PHE A 12 19.33 -14.67 10.25
N GLU A 13 20.41 -15.45 10.35
CA GLU A 13 20.74 -16.11 11.61
C GLU A 13 20.97 -15.16 12.78
N ASN A 14 21.56 -13.99 12.52
CA ASN A 14 21.91 -13.09 13.61
C ASN A 14 20.99 -11.89 13.73
N ILE A 15 19.85 -11.97 13.06
CA ILE A 15 18.82 -10.95 13.25
C ILE A 15 18.25 -11.06 14.66
N THR A 16 18.18 -9.93 15.35
N THR A 16 18.18 -9.93 15.35
CA THR A 16 17.58 -9.89 16.68
CA THR A 16 17.58 -9.89 16.68
C THR A 16 16.10 -9.57 16.56
C THR A 16 16.10 -9.60 16.54
N ALA A 17 15.29 -10.21 17.40
CA ALA A 17 13.86 -10.00 17.37
C ALA A 17 13.56 -8.54 17.67
N ALA A 18 12.59 -7.99 16.96
CA ALA A 18 12.09 -6.66 17.31
C ALA A 18 11.47 -6.77 18.70
N PRO A 19 11.50 -5.69 19.48
CA PRO A 19 10.84 -5.77 20.78
C PRO A 19 9.34 -5.98 20.61
N ALA A 20 8.72 -6.72 21.52
CA ALA A 20 7.29 -7.02 21.39
C ALA A 20 6.46 -5.76 21.53
N ASP A 21 5.36 -5.69 20.77
CA ASP A 21 4.45 -4.56 20.87
C ASP A 21 3.53 -4.74 22.07
N PRO A 22 3.70 -3.88 23.09
CA PRO A 22 2.95 -4.02 24.34
C PRO A 22 1.44 -3.95 24.14
N ILE A 23 1.00 -3.19 23.13
CA ILE A 23 -0.41 -3.04 22.87
C ILE A 23 -1.01 -4.33 22.30
N LEU A 24 -0.26 -4.99 21.42
CA LEU A 24 -0.71 -6.26 20.86
C LEU A 24 -0.80 -7.28 21.98
N GLY A 25 0.15 -7.23 22.89
CA GLY A 25 0.15 -8.11 24.05
C GLY A 25 -1.06 -7.88 24.94
N LEU A 26 -1.42 -6.61 25.09
CA LEU A 26 -2.59 -6.25 25.90
C LEU A 26 -3.86 -6.75 25.23
N ALA A 27 -3.91 -6.67 23.91
CA ALA A 27 -5.04 -7.21 23.16
C ALA A 27 -5.12 -8.73 23.31
N ASP A 28 -3.96 -9.38 23.37
CA ASP A 28 -3.89 -10.82 23.62
C ASP A 28 -4.48 -11.14 25.00
N LEU A 29 -4.00 -10.43 26.01
CA LEU A 29 -4.48 -10.61 27.38
C LEU A 29 -5.99 -10.39 27.46
N PHE A 30 -6.47 -9.38 26.75
CA PHE A 30 -7.90 -9.08 26.72
C PHE A 30 -8.68 -10.26 26.17
N ARG A 31 -8.21 -10.84 25.07
CA ARG A 31 -8.91 -11.96 24.46
C ARG A 31 -8.94 -13.19 25.37
N ALA A 32 -7.88 -13.39 26.14
CA ALA A 32 -7.80 -14.56 27.04
C ALA A 32 -8.57 -14.35 28.34
N ASP A 33 -8.98 -13.11 28.58
CA ASP A 33 -9.70 -12.75 29.80
C ASP A 33 -11.16 -13.18 29.69
N GLU A 34 -11.56 -14.17 30.48
CA GLU A 34 -12.90 -14.75 30.36
C GLU A 34 -13.96 -14.02 31.20
N ARG A 35 -13.56 -12.96 31.88
CA ARG A 35 -14.51 -12.23 32.73
C ARG A 35 -15.52 -11.46 31.90
N PRO A 36 -16.80 -11.53 32.28
CA PRO A 36 -17.88 -10.95 31.49
C PRO A 36 -17.94 -9.42 31.50
N GLY A 37 -17.36 -8.79 32.52
CA GLY A 37 -17.50 -7.35 32.66
C GLY A 37 -16.38 -6.52 32.06
N LYS A 38 -15.54 -7.15 31.24
CA LYS A 38 -14.36 -6.46 30.72
C LYS A 38 -14.70 -5.30 29.78
N VAL A 39 -13.90 -4.24 29.86
CA VAL A 39 -14.08 -3.07 29.03
C VAL A 39 -12.72 -2.67 28.45
N ASP A 40 -12.61 -2.59 27.14
CA ASP A 40 -11.34 -2.22 26.51
C ASP A 40 -11.34 -0.76 26.07
N LEU A 41 -10.75 0.10 26.89
CA LEU A 41 -10.57 1.50 26.52
C LEU A 41 -9.27 1.71 25.74
N GLY A 42 -8.57 0.63 25.44
CA GLY A 42 -7.28 0.73 24.78
C GLY A 42 -7.32 0.63 23.26
N VAL A 43 -8.52 0.41 22.74
CA VAL A 43 -8.70 0.21 21.30
C VAL A 43 -8.41 1.48 20.51
N GLY A 44 -8.08 1.30 19.24
CA GLY A 44 -7.64 2.41 18.41
C GLY A 44 -8.59 2.84 17.32
N VAL A 45 -9.83 2.35 17.37
CA VAL A 45 -10.82 2.61 16.33
C VAL A 45 -12.15 3.03 16.98
N TYR A 46 -13.08 3.53 16.15
CA TYR A 46 -14.41 3.84 16.63
C TYR A 46 -15.18 2.58 16.96
N LYS A 47 -16.00 2.65 18.00
CA LYS A 47 -17.00 1.61 18.25
C LYS A 47 -18.33 2.26 18.56
N ASP A 48 -19.41 1.60 18.17
CA ASP A 48 -20.73 2.11 18.41
C ASP A 48 -21.25 1.67 19.79
N GLU A 49 -22.53 1.93 20.05
CA GLU A 49 -23.05 1.66 21.38
C GLU A 49 -23.16 0.18 21.70
N THR A 50 -23.03 -0.68 20.69
CA THR A 50 -23.05 -2.13 20.89
C THR A 50 -21.66 -2.74 20.96
N GLY A 51 -20.64 -1.89 20.84
CA GLY A 51 -19.27 -2.38 20.91
C GLY A 51 -18.72 -2.84 19.58
N LYS A 52 -19.41 -2.51 18.49
CA LYS A 52 -18.98 -2.93 17.17
C LYS A 52 -18.34 -1.79 16.38
N THR A 53 -17.49 -2.13 15.43
CA THR A 53 -16.90 -1.17 14.50
C THR A 53 -17.57 -1.43 13.16
N PRO A 54 -18.75 -0.85 12.95
CA PRO A 54 -19.53 -1.26 11.78
C PRO A 54 -19.01 -0.71 10.46
N VAL A 55 -19.48 -1.33 9.38
CA VAL A 55 -19.32 -0.74 8.06
C VAL A 55 -20.41 0.33 7.96
N MET A 56 -20.04 1.54 7.56
CA MET A 56 -21.04 2.60 7.44
C MET A 56 -22.07 2.26 6.35
N THR A 57 -23.31 2.69 6.57
CA THR A 57 -24.36 2.44 5.61
C THR A 57 -23.98 2.97 4.24
N SER A 58 -23.46 4.18 4.21
CA SER A 58 -23.07 4.79 2.94
C SER A 58 -22.02 3.94 2.23
N VAL A 59 -21.13 3.32 3.01
CA VAL A 59 -20.11 2.46 2.45
C VAL A 59 -20.68 1.18 1.84
N LYS A 60 -21.60 0.52 2.55
CA LYS A 60 -22.24 -0.65 1.98
C LYS A 60 -22.96 -0.30 0.69
N LYS A 61 -23.67 0.82 0.67
CA LYS A 61 -24.37 1.24 -0.54
C LYS A 61 -23.40 1.51 -1.68
N ALA A 62 -22.29 2.18 -1.40
CA ALA A 62 -21.30 2.44 -2.43
C ALA A 62 -20.68 1.14 -2.93
N GLU A 63 -20.42 0.20 -2.03
CA GLU A 63 -19.86 -1.10 -2.44
C GLU A 63 -20.81 -1.87 -3.34
N GLN A 64 -22.10 -1.81 -3.06
CA GLN A 64 -23.09 -2.45 -3.93
C GLN A 64 -23.05 -1.83 -5.31
N TYR A 65 -22.95 -0.50 -5.36
CA TYR A 65 -22.91 0.21 -6.63
C TYR A 65 -21.68 -0.20 -7.44
N LEU A 66 -20.54 -0.30 -6.77
CA LEU A 66 -19.32 -0.70 -7.46
C LEU A 66 -19.40 -2.13 -7.99
N LEU A 67 -19.98 -3.02 -7.19
CA LEU A 67 -20.13 -4.40 -7.62
C LEU A 67 -21.00 -4.47 -8.88
N GLU A 68 -22.01 -3.62 -8.93
CA GLU A 68 -22.94 -3.61 -10.05
C GLU A 68 -22.37 -2.95 -11.32
N ASN A 69 -21.46 -2.00 -11.13
N ASN A 69 -21.43 -2.02 -11.15
CA ASN A 69 -21.00 -1.15 -12.21
CA ASN A 69 -21.01 -1.14 -12.24
C ASN A 69 -19.62 -1.50 -12.75
C ASN A 69 -19.55 -1.28 -12.69
N GLU A 70 -18.71 -1.89 -11.87
CA GLU A 70 -17.31 -2.09 -12.27
C GLU A 70 -17.15 -3.19 -13.30
N THR A 71 -16.40 -2.89 -14.36
CA THR A 71 -16.16 -3.87 -15.42
C THR A 71 -14.69 -4.23 -15.60
N THR A 72 -13.79 -3.60 -14.83
CA THR A 72 -12.35 -3.92 -14.90
C THR A 72 -11.67 -3.55 -13.60
N LYS A 73 -10.56 -4.22 -13.30
CA LYS A 73 -9.69 -3.83 -12.21
C LYS A 73 -8.29 -3.49 -12.72
N THR A 74 -8.21 -3.11 -13.99
CA THR A 74 -6.91 -2.73 -14.57
C THR A 74 -6.24 -1.59 -13.77
N TYR A 75 -4.90 -1.52 -13.81
CA TYR A 75 -4.17 -0.52 -13.04
C TYR A 75 -4.60 0.91 -13.34
N LEU A 76 -4.63 1.72 -12.29
CA LEU A 76 -4.65 3.17 -12.45
C LEU A 76 -3.22 3.67 -12.35
N GLY A 77 -3.05 4.98 -12.41
CA GLY A 77 -1.74 5.60 -12.30
C GLY A 77 -1.22 5.65 -10.87
N LEU A 78 0.01 6.16 -10.74
CA LEU A 78 0.69 6.22 -9.45
C LEU A 78 -0.07 7.07 -8.43
N ASP A 79 -0.84 8.02 -8.92
CA ASP A 79 -1.62 8.88 -8.05
C ASP A 79 -3.04 8.38 -7.79
N GLY A 80 -3.39 7.24 -8.36
CA GLY A 80 -4.67 6.62 -8.08
C GLY A 80 -5.84 7.28 -8.78
N LEU A 81 -7.01 7.28 -8.13
CA LEU A 81 -8.25 7.67 -8.77
C LEU A 81 -8.40 9.20 -8.78
N PRO A 82 -8.43 9.82 -9.97
CA PRO A 82 -8.52 11.28 -10.01
C PRO A 82 -9.69 11.87 -9.23
N GLU A 83 -10.88 11.29 -9.34
CA GLU A 83 -12.04 11.83 -8.63
C GLU A 83 -11.84 11.80 -7.11
N PHE A 84 -11.15 10.77 -6.62
CA PHE A 84 -10.85 10.71 -5.19
C PHE A 84 -9.93 11.87 -4.79
N GLY A 85 -8.94 12.17 -5.62
CA GLY A 85 -8.04 13.28 -5.35
C GLY A 85 -8.79 14.61 -5.31
N ARG A 86 -9.68 14.83 -6.27
CA ARG A 86 -10.47 16.06 -6.28
C ARG A 86 -11.37 16.16 -5.05
N CYS A 87 -12.06 15.07 -4.72
CA CYS A 87 -12.96 15.09 -3.58
C CYS A 87 -12.19 15.32 -2.28
N THR A 88 -11.00 14.73 -2.17
CA THR A 88 -10.14 14.93 -1.01
C THR A 88 -9.77 16.41 -0.90
N GLN A 89 -9.32 16.99 -2.01
CA GLN A 89 -8.94 18.40 -1.99
C GLN A 89 -10.09 19.30 -1.59
N GLU A 90 -11.30 18.98 -2.04
CA GLU A 90 -12.45 19.80 -1.68
C GLU A 90 -12.78 19.70 -0.19
N LEU A 91 -12.69 18.49 0.37
CA LEU A 91 -12.91 18.32 1.81
C LEU A 91 -11.89 19.12 2.60
N LEU A 92 -10.62 19.06 2.20
CA LEU A 92 -9.54 19.72 2.91
C LEU A 92 -9.58 21.24 2.81
N PHE A 93 -9.69 21.74 1.59
CA PHE A 93 -9.48 23.17 1.34
C PHE A 93 -10.76 23.97 1.19
N GLY A 94 -11.86 23.26 0.97
CA GLY A 94 -13.17 23.87 0.86
C GLY A 94 -13.50 24.30 -0.55
N LYS A 95 -14.79 24.48 -0.80
CA LYS A 95 -15.25 25.08 -2.05
C LYS A 95 -14.74 26.51 -2.10
N GLY A 96 -14.43 26.96 -3.30
CA GLY A 96 -13.99 28.34 -3.51
C GLY A 96 -12.61 28.64 -2.94
N SER A 97 -11.79 27.60 -2.81
CA SER A 97 -10.42 27.80 -2.37
C SER A 97 -9.61 28.47 -3.46
N ALA A 98 -8.97 29.58 -3.14
CA ALA A 98 -8.14 30.29 -4.09
C ALA A 98 -6.97 29.42 -4.51
N LEU A 99 -6.48 28.63 -3.56
CA LEU A 99 -5.38 27.73 -3.78
C LEU A 99 -5.71 26.69 -4.85
N ILE A 100 -6.90 26.10 -4.74
N ILE A 100 -6.90 26.11 -4.74
CA ILE A 100 -7.37 25.15 -5.74
CA ILE A 100 -7.36 25.14 -5.74
C ILE A 100 -7.62 25.84 -7.08
C ILE A 100 -7.65 25.82 -7.09
N ASN A 101 -8.24 27.01 -7.04
CA ASN A 101 -8.51 27.76 -8.26
C ASN A 101 -7.22 28.08 -9.03
N ASP A 102 -6.14 28.33 -8.29
CA ASP A 102 -4.85 28.63 -8.89
C ASP A 102 -4.05 27.39 -9.30
N LYS A 103 -4.66 26.21 -9.18
N LYS A 103 -4.70 26.22 -9.15
CA LYS A 103 -4.02 24.96 -9.64
CA LYS A 103 -4.13 24.93 -9.53
C LYS A 103 -2.75 24.62 -8.86
C LYS A 103 -2.77 24.69 -8.88
N ARG A 104 -2.71 25.01 -7.59
CA ARG A 104 -1.49 24.87 -6.80
C ARG A 104 -1.35 23.55 -6.06
N ALA A 105 -2.38 22.70 -6.11
CA ALA A 105 -2.39 21.45 -5.35
C ALA A 105 -2.39 20.21 -6.25
N ARG A 106 -1.66 19.19 -5.83
CA ARG A 106 -1.76 17.87 -6.46
C ARG A 106 -1.87 16.85 -5.37
N THR A 107 -2.68 15.82 -5.60
CA THR A 107 -2.92 14.79 -4.60
C THR A 107 -2.66 13.40 -5.17
N ALA A 108 -1.90 12.61 -4.42
CA ALA A 108 -1.77 11.18 -4.70
C ALA A 108 -2.57 10.42 -3.67
N GLN A 109 -3.51 9.61 -4.14
CA GLN A 109 -4.15 8.62 -3.29
C GLN A 109 -3.07 7.68 -2.80
N THR A 110 -3.12 7.31 -1.53
CA THR A 110 -2.10 6.47 -0.91
C THR A 110 -2.75 5.40 -0.03
N PRO A 111 -1.97 4.37 0.34
CA PRO A 111 -2.49 3.35 1.26
C PRO A 111 -2.54 3.88 2.70
N GLY A 112 -3.65 4.56 2.99
CA GLY A 112 -3.88 5.19 4.28
C GLY A 112 -3.12 6.48 4.47
N GLY A 113 -3.40 7.13 5.59
CA GLY A 113 -2.61 8.27 6.02
C GLY A 113 -1.19 7.82 6.28
N SER A 114 -0.98 6.58 6.73
N SER A 114 -0.98 6.59 6.71
CA SER A 114 0.38 6.07 6.95
CA SER A 114 0.37 6.08 6.96
C SER A 114 1.17 6.11 5.66
C SER A 114 1.18 6.08 5.66
N GLY A 115 0.59 5.55 4.59
CA GLY A 115 1.22 5.58 3.29
C GLY A 115 1.52 7.00 2.83
N ALA A 116 0.60 7.93 3.10
CA ALA A 116 0.83 9.31 2.75
C ALA A 116 2.05 9.88 3.47
N LEU A 117 2.18 9.58 4.75
CA LEU A 117 3.32 10.09 5.51
C LEU A 117 4.62 9.51 5.01
N ARG A 118 4.66 8.22 4.68
CA ARG A 118 5.88 7.60 4.16
C ARG A 118 6.24 8.15 2.78
N VAL A 119 5.25 8.31 1.92
CA VAL A 119 5.49 8.90 0.60
C VAL A 119 6.02 10.32 0.76
N ALA A 120 5.43 11.11 1.65
CA ALA A 120 5.94 12.46 1.89
C ALA A 120 7.39 12.40 2.37
N ALA A 121 7.68 11.50 3.32
CA ALA A 121 9.03 11.38 3.86
C ALA A 121 10.06 11.02 2.78
N ASP A 122 9.74 10.04 1.96
CA ASP A 122 10.66 9.61 0.90
C ASP A 122 10.85 10.72 -0.13
N PHE A 123 9.76 11.37 -0.52
CA PHE A 123 9.82 12.50 -1.43
C PHE A 123 10.73 13.61 -0.87
N LEU A 124 10.55 13.97 0.40
CA LEU A 124 11.34 15.05 0.99
C LEU A 124 12.81 14.67 1.05
N ALA A 125 13.09 13.44 1.47
CA ALA A 125 14.47 13.00 1.67
C ALA A 125 15.26 12.98 0.37
N LYS A 126 14.60 12.65 -0.72
CA LYS A 126 15.28 12.47 -1.99
C LYS A 126 15.29 13.71 -2.85
N ASN A 127 14.42 14.69 -2.59
CA ASN A 127 14.26 15.81 -3.51
C ASN A 127 14.42 17.20 -2.89
N THR A 128 14.59 17.26 -1.57
CA THR A 128 14.68 18.54 -0.87
C THR A 128 15.83 18.52 0.13
N SER A 129 16.12 19.68 0.70
CA SER A 129 17.15 19.79 1.73
C SER A 129 16.61 19.61 3.15
N VAL A 130 15.37 19.13 3.28
CA VAL A 130 14.80 18.93 4.62
C VAL A 130 15.61 17.87 5.39
N LYS A 131 16.02 18.22 6.60
CA LYS A 131 16.81 17.31 7.43
C LYS A 131 16.03 16.81 8.65
N ARG A 132 15.07 17.61 9.10
CA ARG A 132 14.40 17.39 10.38
C ARG A 132 12.91 17.58 10.22
N VAL A 133 12.15 16.74 10.92
CA VAL A 133 10.71 16.84 11.05
C VAL A 133 10.38 16.99 12.53
N TRP A 134 9.62 18.02 12.86
CA TRP A 134 9.22 18.28 14.25
C TRP A 134 7.82 17.78 14.51
N VAL A 135 7.66 16.98 15.57
CA VAL A 135 6.37 16.42 15.96
C VAL A 135 6.08 16.76 17.42
N SER A 136 4.79 16.77 17.77
CA SER A 136 4.40 17.10 19.14
C SER A 136 4.78 15.99 20.11
N ASN A 137 5.01 16.36 21.36
CA ASN A 137 5.14 15.40 22.44
C ASN A 137 3.86 15.48 23.27
N PRO A 138 2.99 14.47 23.16
CA PRO A 138 3.05 13.23 22.40
C PRO A 138 2.46 13.40 21.01
N THR A 139 2.61 12.38 20.19
CA THR A 139 2.05 12.34 18.84
C THR A 139 1.57 10.93 18.51
N TRP A 140 1.15 10.73 17.26
CA TRP A 140 0.73 9.42 16.81
C TRP A 140 1.96 8.51 16.87
N PRO A 141 1.80 7.32 17.41
CA PRO A 141 2.98 6.49 17.73
C PRO A 141 3.89 6.17 16.54
N ASN A 142 3.37 6.16 15.32
CA ASN A 142 4.19 5.72 14.20
C ASN A 142 4.93 6.82 13.45
N HIS A 143 4.75 8.08 13.85
CA HIS A 143 5.40 9.17 13.14
C HIS A 143 6.91 9.01 13.10
N LYS A 144 7.52 8.72 14.26
CA LYS A 144 8.97 8.69 14.32
C LYS A 144 9.55 7.62 13.39
N ALA A 145 8.98 6.42 13.43
CA ALA A 145 9.49 5.33 12.60
C ALA A 145 9.39 5.64 11.11
N ILE A 146 8.29 6.27 10.70
CA ILE A 146 8.07 6.59 9.28
C ILE A 146 9.13 7.59 8.82
N PHE A 147 9.28 8.69 9.53
CA PHE A 147 10.24 9.69 9.07
C PHE A 147 11.69 9.22 9.20
N ASN A 148 12.02 8.56 10.30
CA ASN A 148 13.36 7.98 10.43
C ASN A 148 13.69 7.00 9.30
N SER A 149 12.70 6.25 8.82
CA SER A 149 12.97 5.26 7.77
C SER A 149 13.51 5.91 6.50
N ALA A 150 13.16 7.18 6.29
CA ALA A 150 13.58 7.93 5.11
C ALA A 150 14.88 8.69 5.36
N GLY A 151 15.44 8.53 6.55
CA GLY A 151 16.69 9.20 6.90
C GLY A 151 16.49 10.59 7.49
N LEU A 152 15.26 10.91 7.84
CA LEU A 152 14.96 12.21 8.43
C LEU A 152 14.99 12.14 9.96
N GLU A 153 15.67 13.12 10.56
CA GLU A 153 15.71 13.26 12.01
C GLU A 153 14.34 13.72 12.50
N VAL A 154 13.88 13.15 13.60
CA VAL A 154 12.63 13.58 14.21
C VAL A 154 12.91 14.25 15.55
N ARG A 155 12.41 15.47 15.71
CA ARG A 155 12.57 16.24 16.94
C ARG A 155 11.18 16.51 17.53
N GLU A 156 11.11 16.67 18.85
CA GLU A 156 9.83 16.87 19.51
C GLU A 156 9.66 18.31 19.96
N TYR A 157 8.46 18.84 19.79
CA TYR A 157 8.11 20.14 20.35
C TYR A 157 7.11 20.00 21.49
N ALA A 158 7.07 21.00 22.36
CA ALA A 158 6.15 21.00 23.51
C ALA A 158 4.70 21.12 23.07
N TYR A 159 3.80 20.45 23.77
CA TYR A 159 2.39 20.48 23.39
C TYR A 159 1.42 20.40 24.56
N TYR A 160 1.52 19.34 25.35
CA TYR A 160 0.49 19.04 26.33
C TYR A 160 1.01 19.07 27.75
N ASP A 161 0.30 19.81 28.60
CA ASP A 161 0.56 19.87 30.04
C ASP A 161 -0.30 18.79 30.67
N ALA A 162 0.32 17.66 31.01
CA ALA A 162 -0.42 16.50 31.48
C ALA A 162 -1.02 16.68 32.87
N GLU A 163 -0.35 17.45 33.73
CA GLU A 163 -0.83 17.66 35.09
C GLU A 163 -2.11 18.47 35.08
N ASN A 164 -2.16 19.44 34.18
CA ASN A 164 -3.24 20.43 34.18
C ASN A 164 -4.21 20.27 33.01
N HIS A 165 -3.92 19.30 32.15
CA HIS A 165 -4.80 18.89 31.06
C HIS A 165 -5.03 19.99 30.05
N THR A 166 -3.95 20.66 29.65
CA THR A 166 -4.07 21.78 28.72
C THR A 166 -3.06 21.68 27.59
N LEU A 167 -3.43 22.25 26.45
CA LEU A 167 -2.46 22.56 25.41
C LEU A 167 -1.64 23.76 25.90
N ASP A 168 -0.38 23.53 26.24
CA ASP A 168 0.46 24.61 26.76
C ASP A 168 1.03 25.40 25.60
N PHE A 169 0.26 26.37 25.14
CA PHE A 169 0.57 27.03 23.87
C PHE A 169 1.87 27.82 23.93
N ASP A 170 2.11 28.50 25.05
CA ASP A 170 3.35 29.25 25.14
C ASP A 170 4.57 28.33 25.11
N ALA A 171 4.46 27.17 25.76
CA ALA A 171 5.57 26.21 25.71
C ALA A 171 5.77 25.72 24.28
N LEU A 172 4.67 25.49 23.58
CA LEU A 172 4.71 25.04 22.19
C LEU A 172 5.50 26.03 21.33
N ILE A 173 5.08 27.30 21.31
N ILE A 173 5.03 27.28 21.31
CA ILE A 173 5.73 28.24 20.41
CA ILE A 173 5.64 28.34 20.54
C ILE A 173 7.18 28.55 20.78
C ILE A 173 7.14 28.42 20.80
N ASN A 174 7.50 28.57 22.08
CA ASN A 174 8.89 28.76 22.46
C ASN A 174 9.76 27.59 22.03
N SER A 175 9.23 26.37 22.16
CA SER A 175 10.00 25.19 21.81
C SER A 175 10.29 25.15 20.30
N LEU A 176 9.38 25.70 19.52
CA LEU A 176 9.57 25.73 18.07
C LEU A 176 10.59 26.78 17.60
N ASN A 177 11.10 27.60 18.51
CA ASN A 177 12.15 28.53 18.12
C ASN A 177 13.40 27.77 17.70
N GLU A 178 13.49 26.51 18.10
CA GLU A 178 14.62 25.66 17.73
C GLU A 178 14.50 25.12 16.30
N ALA A 179 13.29 25.15 15.73
CA ALA A 179 13.09 24.66 14.36
C ALA A 179 13.66 25.67 13.36
N GLN A 180 14.53 25.20 12.48
CA GLN A 180 15.22 26.07 11.53
C GLN A 180 14.40 26.27 10.26
N ALA A 181 14.72 27.33 9.53
CA ALA A 181 14.12 27.53 8.23
C ALA A 181 14.37 26.30 7.37
N GLY A 182 13.33 25.81 6.73
CA GLY A 182 13.45 24.65 5.88
C GLY A 182 13.09 23.34 6.57
N ASP A 183 13.09 23.33 7.91
CA ASP A 183 12.62 22.15 8.64
C ASP A 183 11.14 21.95 8.39
N VAL A 184 10.68 20.71 8.49
CA VAL A 184 9.25 20.44 8.46
C VAL A 184 8.69 20.48 9.87
N VAL A 185 7.54 21.11 10.06
CA VAL A 185 6.83 21.02 11.33
C VAL A 185 5.48 20.37 11.08
N LEU A 186 5.25 19.26 11.78
CA LEU A 186 4.01 18.47 11.61
C LEU A 186 3.00 18.89 12.65
N PHE A 187 1.80 19.23 12.18
CA PHE A 187 0.68 19.56 13.06
C PHE A 187 -0.49 18.62 12.79
N HIS A 188 -1.11 18.11 13.85
CA HIS A 188 -2.34 17.36 13.67
C HIS A 188 -3.46 18.33 13.32
N GLY A 189 -4.19 18.06 12.23
CA GLY A 189 -5.21 19.00 11.78
C GLY A 189 -6.36 19.23 12.76
N CYS A 190 -6.80 18.16 13.42
CA CYS A 190 -7.88 18.22 14.39
C CYS A 190 -7.87 16.94 15.22
N CYS A 191 -8.55 16.95 16.35
CA CYS A 191 -8.57 15.79 17.23
C CYS A 191 -7.16 15.26 17.41
N HIS A 192 -6.32 16.08 18.03
CA HIS A 192 -4.96 15.70 18.27
C HIS A 192 -4.90 14.30 18.88
N ASN A 193 -4.07 13.44 18.29
CA ASN A 193 -3.94 12.07 18.74
C ASN A 193 -2.61 11.94 19.49
N PRO A 194 -2.65 11.69 20.81
CA PRO A 194 -3.77 11.15 21.58
C PRO A 194 -4.40 12.07 22.63
N THR A 195 -4.09 13.36 22.62
CA THR A 195 -4.55 14.20 23.71
C THR A 195 -5.97 14.73 23.55
N GLY A 196 -6.44 14.85 22.31
CA GLY A 196 -7.71 15.50 22.04
C GLY A 196 -7.70 17.01 22.29
N ALA A 197 -6.52 17.58 22.52
CA ALA A 197 -6.39 19.02 22.76
C ALA A 197 -5.91 19.72 21.48
N ASP A 198 -6.74 20.62 20.94
CA ASP A 198 -6.49 21.22 19.64
C ASP A 198 -6.28 22.72 19.80
N PRO A 199 -5.46 23.32 18.94
CA PRO A 199 -5.40 24.79 18.94
C PRO A 199 -6.77 25.38 18.62
N THR A 200 -7.07 26.53 19.21
CA THR A 200 -8.21 27.33 18.77
C THR A 200 -7.90 27.92 17.40
N LEU A 201 -8.91 28.46 16.72
CA LEU A 201 -8.66 29.13 15.45
C LEU A 201 -7.61 30.25 15.58
N GLU A 202 -7.71 31.05 16.63
CA GLU A 202 -6.75 32.13 16.84
C GLU A 202 -5.35 31.56 17.01
N GLN A 203 -5.25 30.45 17.74
CA GLN A 203 -3.95 29.81 17.92
C GLN A 203 -3.41 29.25 16.60
N TRP A 204 -4.28 28.65 15.78
CA TRP A 204 -3.86 28.21 14.46
C TRP A 204 -3.35 29.37 13.62
N GLN A 205 -4.02 30.51 13.70
CA GLN A 205 -3.61 31.67 12.93
C GLN A 205 -2.25 32.17 13.40
N THR A 206 -2.03 32.12 14.71
CA THR A 206 -0.73 32.49 15.27
C THR A 206 0.36 31.54 14.79
N LEU A 207 0.08 30.24 14.82
CA LEU A 207 1.04 29.26 14.34
C LEU A 207 1.34 29.45 12.85
N ALA A 208 0.32 29.73 12.06
CA ALA A 208 0.51 29.92 10.62
C ALA A 208 1.40 31.13 10.35
N GLN A 209 1.19 32.21 11.09
CA GLN A 209 2.02 33.41 10.95
C GLN A 209 3.47 33.14 11.36
N LEU A 210 3.65 32.47 12.49
CA LEU A 210 4.97 32.11 12.96
C LEU A 210 5.69 31.25 11.92
N SER A 211 4.98 30.26 11.37
CA SER A 211 5.53 29.38 10.36
C SER A 211 6.02 30.16 9.13
N VAL A 212 5.25 31.15 8.70
CA VAL A 212 5.69 31.98 7.58
C VAL A 212 6.96 32.76 7.94
N GLU A 213 6.95 33.38 9.11
CA GLU A 213 8.09 34.16 9.59
C GLU A 213 9.38 33.33 9.69
N LYS A 214 9.24 32.09 10.17
CA LYS A 214 10.38 31.24 10.45
C LYS A 214 10.84 30.39 9.25
N GLY A 215 9.98 30.28 8.23
CA GLY A 215 10.34 29.53 7.04
C GLY A 215 10.22 28.03 7.16
N TRP A 216 9.33 27.56 8.03
CA TRP A 216 9.04 26.13 8.13
C TRP A 216 8.20 25.63 6.97
N LEU A 217 8.35 24.35 6.66
CA LEU A 217 7.44 23.71 5.74
C LEU A 217 6.41 22.95 6.56
N PRO A 218 5.16 23.42 6.58
CA PRO A 218 4.17 22.70 7.40
C PRO A 218 3.72 21.41 6.77
N LEU A 219 3.64 20.37 7.59
CA LEU A 219 2.97 19.14 7.20
C LEU A 219 1.75 18.96 8.11
N ILE A 220 0.57 19.00 7.52
CA ILE A 220 -0.66 18.80 8.29
C ILE A 220 -1.09 17.35 8.16
N ASP A 221 -1.17 16.64 9.27
CA ASP A 221 -1.64 15.25 9.32
C ASP A 221 -3.07 15.32 9.82
N ILE A 222 -4.02 15.01 8.93
CA ILE A 222 -5.43 15.09 9.30
C ILE A 222 -6.10 13.73 9.08
N ALA A 223 -6.49 13.10 10.18
CA ALA A 223 -7.05 11.77 10.13
C ALA A 223 -8.42 11.67 10.77
N TYR A 224 -8.90 12.77 11.36
CA TYR A 224 -10.18 12.75 12.09
C TYR A 224 -11.14 13.85 11.66
N GLN A 225 -11.04 14.32 10.41
CA GLN A 225 -11.93 15.38 9.99
C GLN A 225 -13.39 14.91 10.12
N GLY A 226 -14.17 15.66 10.90
CA GLY A 226 -15.56 15.29 11.18
C GLY A 226 -15.79 14.78 12.58
N PHE A 227 -14.73 14.37 13.28
CA PHE A 227 -14.86 13.83 14.64
C PHE A 227 -14.74 14.87 15.75
N GLY A 228 -14.30 16.08 15.40
CA GLY A 228 -14.09 17.10 16.41
C GLY A 228 -15.35 17.93 16.59
N ARG A 229 -15.53 18.90 15.71
CA ARG A 229 -16.69 19.79 15.75
C ARG A 229 -17.58 19.59 14.52
N GLY A 230 -16.99 19.05 13.45
CA GLY A 230 -17.69 18.90 12.18
C GLY A 230 -16.72 19.08 11.03
N LEU A 231 -17.14 18.71 9.82
CA LEU A 231 -16.21 18.67 8.69
C LEU A 231 -15.55 20.03 8.40
N GLU A 232 -16.36 21.06 8.26
CA GLU A 232 -15.80 22.37 7.93
C GLU A 232 -14.98 22.93 9.08
N GLU A 233 -15.50 22.82 10.29
CA GLU A 233 -14.79 23.35 11.45
C GLU A 233 -13.45 22.66 11.66
N ASP A 234 -13.43 21.35 11.43
CA ASP A 234 -12.23 20.56 11.70
C ASP A 234 -11.12 20.86 10.68
N ALA A 235 -11.49 21.51 9.57
CA ALA A 235 -10.50 21.92 8.57
C ALA A 235 -9.97 23.35 8.75
N GLU A 236 -10.45 24.06 9.76
CA GLU A 236 -10.06 25.46 9.94
C GLU A 236 -8.56 25.65 10.10
N GLY A 237 -7.92 24.80 10.90
CA GLY A 237 -6.49 24.94 11.14
C GLY A 237 -5.70 24.77 9.85
N LEU A 238 -6.00 23.69 9.12
N LEU A 238 -6.01 23.70 9.13
CA LEU A 238 -5.36 23.47 7.83
CA LEU A 238 -5.40 23.43 7.84
C LEU A 238 -5.55 24.69 6.94
C LEU A 238 -5.58 24.62 6.91
N ARG A 239 -6.79 25.18 6.87
CA ARG A 239 -7.07 26.29 5.97
C ARG A 239 -6.37 27.58 6.41
N ALA A 240 -6.14 27.74 7.72
CA ALA A 240 -5.38 28.89 8.19
C ALA A 240 -3.95 28.83 7.67
N PHE A 241 -3.37 27.63 7.68
CA PHE A 241 -2.05 27.45 7.10
C PHE A 241 -2.07 27.66 5.59
N ALA A 242 -3.08 27.12 4.92
CA ALA A 242 -3.16 27.21 3.48
C ALA A 242 -3.22 28.65 3.01
N ALA A 243 -3.88 29.50 3.78
CA ALA A 243 -4.12 30.87 3.39
C ALA A 243 -2.82 31.67 3.40
N MET A 244 -1.88 31.20 4.22
N MET A 244 -1.86 31.28 4.22
CA MET A 244 -0.67 31.94 4.57
CA MET A 244 -0.65 32.08 4.34
C MET A 244 0.60 31.43 3.90
C MET A 244 0.50 31.54 3.49
N HIS A 245 0.54 30.23 3.35
CA HIS A 245 1.74 29.56 2.83
C HIS A 245 1.78 29.37 1.34
N LYS A 246 2.97 29.52 0.78
CA LYS A 246 3.22 29.14 -0.60
C LYS A 246 3.27 27.61 -0.76
N GLU A 247 3.79 26.93 0.26
CA GLU A 247 4.00 25.49 0.21
C GLU A 247 3.49 24.80 1.45
N LEU A 248 2.92 23.61 1.24
N LEU A 248 2.93 23.62 1.28
CA LEU A 248 2.32 22.79 2.29
CA LEU A 248 2.62 22.76 2.42
C LEU A 248 2.37 21.32 1.89
C LEU A 248 2.35 21.35 1.94
N ILE A 249 2.33 20.42 2.88
CA ILE A 249 2.03 19.03 2.60
C ILE A 249 0.89 18.64 3.51
N VAL A 250 -0.09 17.90 2.99
CA VAL A 250 -1.15 17.36 3.82
C VAL A 250 -1.16 15.85 3.67
N ALA A 251 -1.13 15.15 4.80
CA ALA A 251 -1.37 13.72 4.82
C ALA A 251 -2.75 13.51 5.39
N SER A 252 -3.66 12.94 4.61
CA SER A 252 -5.04 12.77 5.07
C SER A 252 -5.40 11.30 5.09
N SER A 253 -6.39 10.96 5.93
CA SER A 253 -6.86 9.59 6.04
C SER A 253 -8.38 9.53 5.98
N CYS A 254 -8.90 8.49 5.32
CA CYS A 254 -10.33 8.19 5.35
C CYS A 254 -10.62 6.95 6.20
N SER A 255 -9.60 6.45 6.90
CA SER A 255 -9.77 5.24 7.72
C SER A 255 -10.85 5.37 8.77
N1 LLP A 256 -1.95 10.11 11.70
C2 LLP A 256 -2.82 10.16 12.75
C2' LLP A 256 -2.77 11.35 13.65
C3 LLP A 256 -3.74 9.14 12.98
O3 LLP A 256 -4.52 9.22 13.94
C4 LLP A 256 -3.79 8.04 12.13
C4' LLP A 256 -4.80 6.94 12.36
C5 LLP A 256 -2.88 7.99 11.06
C6 LLP A 256 -1.99 9.02 10.86
C5' LLP A 256 -2.82 6.84 10.11
OP4 LLP A 256 -3.95 6.64 9.27
P LLP A 256 -4.20 5.29 8.45
OP1 LLP A 256 -5.15 5.77 7.44
OP2 LLP A 256 -4.76 4.26 9.36
OP3 LLP A 256 -2.88 4.90 7.86
N LLP A 256 -10.88 6.52 9.45
CA LLP A 256 -11.73 6.71 10.60
CB LLP A 256 -10.96 7.50 11.67
CG LLP A 256 -9.68 6.74 12.16
CD LLP A 256 -8.37 7.49 11.87
CE LLP A 256 -7.17 6.65 12.39
NZ LLP A 256 -5.96 7.51 12.66
C LLP A 256 -13.06 7.35 10.22
O LLP A 256 -14.13 6.86 10.61
N ASN A 257 -13.02 8.43 9.44
CA ASN A 257 -14.26 9.12 9.10
C ASN A 257 -15.14 8.42 8.05
N PHE A 258 -14.59 7.43 7.36
CA PHE A 258 -15.42 6.55 6.52
C PHE A 258 -15.47 5.12 7.06
N GLY A 259 -14.80 4.88 8.19
CA GLY A 259 -14.77 3.54 8.75
C GLY A 259 -14.18 2.52 7.80
N LEU A 260 -13.18 2.96 7.04
CA LEU A 260 -12.55 2.15 6.00
C LEU A 260 -11.14 1.68 6.41
N TYR A 261 -10.88 1.63 7.71
CA TYR A 261 -9.55 1.29 8.25
C TYR A 261 -8.75 0.31 7.41
N ASN A 262 -9.29 -0.90 7.21
CA ASN A 262 -8.50 -1.96 6.60
C ASN A 262 -8.36 -1.87 5.08
N GLU A 263 -9.06 -0.93 4.45
CA GLU A 263 -8.96 -0.76 3.01
C GLU A 263 -7.79 0.14 2.61
N ARG A 264 -7.25 0.86 3.59
CA ARG A 264 -6.06 1.70 3.43
C ARG A 264 -6.28 2.83 2.40
N VAL A 265 -7.07 3.80 2.83
N VAL A 265 -7.11 3.79 2.76
CA VAL A 265 -7.51 4.93 2.03
CA VAL A 265 -7.42 4.89 1.86
C VAL A 265 -6.99 6.21 2.66
C VAL A 265 -7.11 6.23 2.53
N GLY A 266 -6.16 6.95 1.92
CA GLY A 266 -5.69 8.23 2.40
C GLY A 266 -5.07 8.95 1.23
N ALA A 267 -4.40 10.06 1.51
CA ALA A 267 -3.81 10.82 0.42
C ALA A 267 -2.68 11.71 0.90
N CYS A 268 -1.74 11.94 0.00
CA CYS A 268 -0.71 12.95 0.20
C CYS A 268 -0.96 14.07 -0.80
N THR A 269 -1.20 15.26 -0.27
CA THR A 269 -1.41 16.44 -1.09
C THR A 269 -0.21 17.39 -0.98
N LEU A 270 0.34 17.79 -2.13
CA LEU A 270 1.38 18.80 -2.16
C LEU A 270 0.75 20.10 -2.62
N VAL A 271 1.18 21.19 -2.00
CA VAL A 271 0.83 22.54 -2.44
C VAL A 271 2.13 23.29 -2.69
N ALA A 272 2.24 23.95 -3.85
CA ALA A 272 3.42 24.75 -4.15
C ALA A 272 2.97 26.14 -4.60
N ALA A 273 3.93 27.01 -4.91
CA ALA A 273 3.60 28.40 -5.21
C ALA A 273 2.71 28.53 -6.44
N ASP A 274 2.90 27.64 -7.40
CA ASP A 274 2.12 27.71 -8.64
C ASP A 274 2.02 26.32 -9.26
N SER A 275 1.23 26.23 -10.31
CA SER A 275 0.97 24.96 -10.97
C SER A 275 2.22 24.32 -11.54
N GLU A 276 3.07 25.09 -12.23
CA GLU A 276 4.25 24.48 -12.84
C GLU A 276 5.18 23.91 -11.76
N THR A 277 5.29 24.60 -10.64
CA THR A 277 6.15 24.14 -9.55
C THR A 277 5.59 22.88 -8.91
N VAL A 278 4.29 22.88 -8.61
CA VAL A 278 3.73 21.69 -7.99
C VAL A 278 3.78 20.48 -8.94
N ASP A 279 3.70 20.72 -10.25
CA ASP A 279 3.87 19.61 -11.19
C ASP A 279 5.26 19.00 -11.11
N ARG A 280 6.29 19.84 -11.01
CA ARG A 280 7.66 19.34 -10.87
C ARG A 280 7.77 18.51 -9.59
N ALA A 281 7.26 19.06 -8.48
CA ALA A 281 7.35 18.37 -7.19
C ALA A 281 6.60 17.05 -7.27
N PHE A 282 5.39 17.09 -7.83
CA PHE A 282 4.54 15.93 -7.84
C PHE A 282 5.11 14.82 -8.72
N SER A 283 5.83 15.20 -9.77
CA SER A 283 6.46 14.20 -10.63
C SER A 283 7.44 13.37 -9.81
N GLN A 284 8.15 14.01 -8.88
CA GLN A 284 9.11 13.30 -8.04
C GLN A 284 8.41 12.55 -6.91
N MET A 285 7.29 13.06 -6.43
CA MET A 285 6.50 12.26 -5.49
C MET A 285 6.03 10.97 -6.16
N LYS A 286 5.61 11.07 -7.42
CA LYS A 286 5.20 9.85 -8.14
C LYS A 286 6.36 8.87 -8.28
N ALA A 287 7.57 9.39 -8.49
CA ALA A 287 8.75 8.54 -8.54
C ALA A 287 8.97 7.82 -7.19
N ALA A 288 8.73 8.51 -6.09
CA ALA A 288 8.85 7.86 -4.78
C ALA A 288 7.81 6.76 -4.60
N ILE A 289 6.62 6.98 -5.15
CA ILE A 289 5.57 5.96 -5.10
C ILE A 289 5.95 4.72 -5.94
N ARG A 290 6.50 4.98 -7.14
CA ARG A 290 6.92 3.91 -8.06
C ARG A 290 7.96 3.01 -7.41
N ALA A 291 8.83 3.58 -6.57
CA ALA A 291 9.86 2.79 -5.91
C ALA A 291 9.34 2.06 -4.67
N ASN A 292 8.06 2.26 -4.35
CA ASN A 292 7.44 1.70 -3.15
C ASN A 292 6.41 0.64 -3.57
N TYR A 293 5.11 0.96 -3.54
CA TYR A 293 4.05 -0.03 -3.81
C TYR A 293 3.39 0.22 -5.17
N SER A 294 3.88 1.20 -5.92
CA SER A 294 3.30 1.61 -7.20
C SER A 294 1.88 2.12 -7.00
N SER A 295 0.91 1.65 -7.75
CA SER A 295 -0.41 2.26 -7.63
C SER A 295 -1.08 1.90 -6.30
N PRO A 296 -1.98 2.76 -5.81
CA PRO A 296 -2.62 2.53 -4.52
C PRO A 296 -3.86 1.64 -4.62
N PRO A 297 -4.32 1.12 -3.49
CA PRO A 297 -5.44 0.18 -3.55
C PRO A 297 -6.76 0.87 -3.91
N ALA A 298 -7.42 0.36 -4.93
CA ALA A 298 -8.57 1.04 -5.50
C ALA A 298 -9.85 1.02 -4.68
N HIS A 299 -10.15 -0.10 -4.03
CA HIS A 299 -11.49 -0.28 -3.48
C HIS A 299 -11.93 0.85 -2.54
N GLY A 300 -11.12 1.16 -1.55
CA GLY A 300 -11.51 2.17 -0.57
C GLY A 300 -11.65 3.55 -1.21
N ALA A 301 -10.75 3.90 -2.10
CA ALA A 301 -10.82 5.20 -2.76
C ALA A 301 -12.04 5.29 -3.68
N SER A 302 -12.36 4.19 -4.36
CA SER A 302 -13.57 4.12 -5.17
C SER A 302 -14.81 4.32 -4.32
N VAL A 303 -14.83 3.73 -3.14
CA VAL A 303 -15.93 3.90 -2.22
C VAL A 303 -16.10 5.37 -1.84
N VAL A 304 -15.01 6.02 -1.43
CA VAL A 304 -15.06 7.40 -1.01
C VAL A 304 -15.51 8.33 -2.15
N ALA A 305 -14.94 8.14 -3.33
CA ALA A 305 -15.34 8.96 -4.48
C ALA A 305 -16.82 8.76 -4.80
N THR A 306 -17.30 7.52 -4.70
CA THR A 306 -18.69 7.22 -5.00
C THR A 306 -19.61 7.95 -4.04
N ILE A 307 -19.25 7.97 -2.76
CA ILE A 307 -20.04 8.65 -1.75
C ILE A 307 -20.00 10.17 -1.94
N LEU A 308 -18.80 10.72 -2.08
CA LEU A 308 -18.66 12.18 -2.09
C LEU A 308 -19.20 12.85 -3.36
N SER A 309 -19.30 12.10 -4.44
N SER A 309 -19.29 12.10 -4.44
CA SER A 309 -19.75 12.65 -5.71
CA SER A 309 -19.74 12.64 -5.73
C SER A 309 -21.26 12.60 -5.88
C SER A 309 -21.22 12.41 -5.98
N ASN A 310 -21.92 11.89 -4.98
CA ASN A 310 -23.37 11.68 -5.07
C ASN A 310 -24.07 12.34 -3.87
N ASP A 311 -24.92 13.32 -4.14
CA ASP A 311 -25.56 14.08 -3.08
C ASP A 311 -26.29 13.20 -2.05
N ALA A 312 -27.07 12.24 -2.51
CA ALA A 312 -27.85 11.39 -1.61
C ALA A 312 -26.95 10.54 -0.70
N LEU A 313 -25.95 9.90 -1.29
N LEU A 313 -25.94 9.94 -1.30
CA LEU A 313 -25.04 9.07 -0.51
CA LEU A 313 -25.03 9.07 -0.55
C LEU A 313 -24.23 9.92 0.46
C LEU A 313 -24.20 9.90 0.42
N ARG A 314 -23.78 11.08 -0.03
CA ARG A 314 -23.01 11.98 0.80
C ARG A 314 -23.81 12.38 2.04
N ALA A 315 -25.10 12.61 1.89
CA ALA A 315 -25.91 12.99 3.04
C ALA A 315 -26.01 11.84 4.03
N ILE A 316 -26.13 10.62 3.51
CA ILE A 316 -26.17 9.45 4.37
C ILE A 316 -24.87 9.31 5.15
N TRP A 317 -23.75 9.54 4.48
CA TRP A 317 -22.44 9.52 5.13
C TRP A 317 -22.30 10.60 6.20
N GLU A 318 -22.64 11.83 5.84
CA GLU A 318 -22.54 12.93 6.81
C GLU A 318 -23.40 12.71 8.05
N GLN A 319 -24.60 12.16 7.86
CA GLN A 319 -25.47 11.92 8.99
C GLN A 319 -24.87 10.89 9.94
N GLU A 320 -24.34 9.81 9.38
N GLU A 320 -24.33 9.81 9.40
CA GLU A 320 -23.68 8.78 10.18
CA GLU A 320 -23.73 8.79 10.27
C GLU A 320 -22.51 9.36 10.94
C GLU A 320 -22.45 9.29 10.94
N LEU A 321 -21.67 10.12 10.23
CA LEU A 321 -20.48 10.72 10.85
C LEU A 321 -20.87 11.65 11.98
N THR A 322 -21.93 12.43 11.78
CA THR A 322 -22.45 13.29 12.84
C THR A 322 -22.88 12.46 14.04
N ASP A 323 -23.55 11.34 13.79
CA ASP A 323 -23.98 10.47 14.88
C ASP A 323 -22.77 9.93 15.65
N MET A 324 -21.70 9.58 14.93
N MET A 324 -21.71 9.56 14.93
CA MET A 324 -20.48 9.09 15.56
CA MET A 324 -20.50 9.10 15.59
C MET A 324 -19.82 10.18 16.41
C MET A 324 -19.91 10.20 16.46
N ARG A 325 -19.70 11.37 15.85
CA ARG A 325 -19.11 12.49 16.57
C ARG A 325 -19.92 12.79 17.83
N GLN A 326 -21.25 12.81 17.68
CA GLN A 326 -22.10 13.13 18.81
C GLN A 326 -22.11 12.02 19.86
N ARG A 327 -21.92 10.77 19.45
CA ARG A 327 -21.86 9.69 20.45
C ARG A 327 -20.61 9.84 21.30
N ILE A 328 -19.49 10.19 20.67
CA ILE A 328 -18.25 10.39 21.39
C ILE A 328 -18.40 11.55 22.38
N GLN A 329 -19.01 12.64 21.92
CA GLN A 329 -19.23 13.78 22.80
C GLN A 329 -20.13 13.41 23.98
N ARG A 330 -21.17 12.62 23.72
CA ARG A 330 -22.06 12.20 24.78
C ARG A 330 -21.34 11.32 25.80
N MET A 331 -20.48 10.41 25.33
CA MET A 331 -19.72 9.57 26.26
C MET A 331 -18.76 10.39 27.10
N ARG A 332 -18.13 11.41 26.52
CA ARG A 332 -17.26 12.30 27.29
C ARG A 332 -18.02 12.94 28.45
N GLN A 333 -19.21 13.47 28.15
CA GLN A 333 -20.04 14.10 29.16
C GLN A 333 -20.52 13.10 30.20
N LEU A 334 -21.00 11.95 29.74
CA LEU A 334 -21.51 10.92 30.64
C LEU A 334 -20.43 10.38 31.58
N PHE A 335 -19.21 10.24 31.05
CA PHE A 335 -18.06 9.77 31.82
C PHE A 335 -17.79 10.71 32.98
N VAL A 336 -17.67 12.00 32.68
CA VAL A 336 -17.42 13.00 33.70
C VAL A 336 -18.54 13.03 34.74
N ASN A 337 -19.78 13.03 34.28
CA ASN A 337 -20.93 13.08 35.17
C ASN A 337 -21.03 11.83 36.06
N THR A 338 -20.71 10.66 35.50
CA THR A 338 -20.79 9.42 36.27
C THR A 338 -19.68 9.33 37.31
N LEU A 339 -18.49 9.78 36.93
CA LEU A 339 -17.38 9.84 37.88
C LEU A 339 -17.73 10.71 39.08
N GLN A 340 -18.34 11.86 38.81
CA GLN A 340 -18.75 12.76 39.89
C GLN A 340 -19.79 12.13 40.79
N GLU A 341 -20.79 11.47 40.19
CA GLU A 341 -21.83 10.82 40.97
C GLU A 341 -21.29 9.64 41.77
N LYS A 342 -20.25 8.99 41.25
CA LYS A 342 -19.61 7.87 41.93
C LYS A 342 -18.58 8.32 42.97
N GLY A 343 -18.37 9.63 43.09
CA GLY A 343 -17.51 10.17 44.12
C GLY A 343 -16.01 10.23 43.82
N ALA A 344 -15.64 10.41 42.56
CA ALA A 344 -14.23 10.50 42.21
C ALA A 344 -13.54 11.60 42.99
N ASN A 345 -12.34 11.33 43.49
CA ASN A 345 -11.64 12.28 44.36
C ASN A 345 -10.85 13.33 43.59
N ARG A 346 -11.30 13.61 42.38
CA ARG A 346 -10.55 14.46 41.47
C ARG A 346 -11.44 14.93 40.31
N ASP A 347 -11.13 16.10 39.77
CA ASP A 347 -11.92 16.68 38.68
C ASP A 347 -11.48 16.17 37.30
N PHE A 348 -12.43 15.62 36.55
CA PHE A 348 -12.17 15.13 35.20
C PHE A 348 -12.85 15.98 34.13
N SER A 349 -13.22 17.21 34.49
CA SER A 349 -13.93 18.08 33.56
C SER A 349 -13.18 18.31 32.24
N PHE A 350 -11.85 18.21 32.26
CA PHE A 350 -11.06 18.39 31.04
C PHE A 350 -11.52 17.48 29.90
N ILE A 351 -12.08 16.33 30.26
CA ILE A 351 -12.57 15.36 29.28
C ILE A 351 -13.65 15.93 28.36
N ILE A 352 -14.51 16.79 28.92
CA ILE A 352 -15.66 17.29 28.17
C ILE A 352 -15.23 18.11 26.97
N LYS A 353 -14.20 18.92 27.17
CA LYS A 353 -13.73 19.87 26.15
C LYS A 353 -12.94 19.21 25.02
N GLN A 354 -12.27 18.11 25.32
CA GLN A 354 -11.36 17.51 24.35
C GLN A 354 -12.09 16.88 23.16
N ASN A 355 -11.40 16.86 22.01
CA ASN A 355 -12.02 16.56 20.73
C ASN A 355 -11.58 15.21 20.21
N GLY A 356 -12.53 14.38 19.77
CA GLY A 356 -12.17 13.12 19.16
C GLY A 356 -12.28 11.97 20.14
N MET A 357 -11.80 10.80 19.75
N MET A 357 -11.82 10.79 19.75
CA MET A 357 -12.05 9.64 20.59
CA MET A 357 -12.06 9.64 20.61
C MET A 357 -11.05 9.47 21.75
C MET A 357 -10.97 9.33 21.64
N PHE A 358 -9.88 10.09 21.63
CA PHE A 358 -8.79 9.87 22.60
C PHE A 358 -8.56 11.00 23.60
N SER A 359 -8.27 10.60 24.84
CA SER A 359 -7.75 11.52 25.82
C SER A 359 -6.79 10.77 26.72
N PHE A 360 -5.88 11.50 27.34
N PHE A 360 -5.91 11.50 27.37
CA PHE A 360 -5.09 10.96 28.44
CA PHE A 360 -5.13 10.92 28.45
C PHE A 360 -5.97 11.00 29.70
C PHE A 360 -5.93 11.00 29.74
N SER A 361 -6.17 9.85 30.34
CA SER A 361 -6.97 9.78 31.57
C SER A 361 -6.30 10.45 32.76
N GLY A 362 -4.97 10.49 32.75
CA GLY A 362 -4.24 10.95 33.93
C GLY A 362 -3.96 9.84 34.93
N LEU A 363 -4.46 8.64 34.66
CA LEU A 363 -4.19 7.49 35.53
C LEU A 363 -2.73 7.07 35.46
N THR A 364 -2.17 6.69 36.61
CA THR A 364 -0.80 6.19 36.68
C THR A 364 -0.70 4.78 36.12
N LYS A 365 0.51 4.33 35.82
CA LYS A 365 0.66 2.97 35.32
C LYS A 365 0.23 1.95 36.37
N GLU A 366 0.39 2.28 37.65
CA GLU A 366 -0.05 1.39 38.71
C GLU A 366 -1.57 1.27 38.73
N GLN A 367 -2.24 2.40 38.53
CA GLN A 367 -3.69 2.41 38.47
C GLN A 367 -4.19 1.66 37.23
N VAL A 368 -3.49 1.84 36.11
CA VAL A 368 -3.83 1.10 34.89
C VAL A 368 -3.70 -0.40 35.11
N LEU A 369 -2.61 -0.81 35.74
CA LEU A 369 -2.38 -2.23 36.05
C LEU A 369 -3.51 -2.78 36.90
N ARG A 370 -3.85 -2.08 37.97
CA ARG A 370 -4.91 -2.52 38.87
C ARG A 370 -6.26 -2.59 38.16
N LEU A 371 -6.55 -1.60 37.32
CA LEU A 371 -7.81 -1.61 36.57
C LEU A 371 -7.96 -2.88 35.75
N ARG A 372 -6.87 -3.30 35.11
CA ARG A 372 -6.89 -4.51 34.29
C ARG A 372 -7.00 -5.75 35.17
N GLU A 373 -6.06 -5.90 36.10
CA GLU A 373 -6.00 -7.10 36.91
C GLU A 373 -7.23 -7.30 37.78
N GLU A 374 -7.65 -6.25 38.48
CA GLU A 374 -8.77 -6.39 39.41
C GLU A 374 -10.17 -6.24 38.78
N PHE A 375 -10.29 -5.35 37.80
CA PHE A 375 -11.62 -4.96 37.30
C PHE A 375 -11.87 -5.28 35.83
N GLY A 376 -10.86 -5.78 35.12
CA GLY A 376 -11.01 -6.08 33.70
C GLY A 376 -11.23 -4.85 32.85
N VAL A 377 -10.75 -3.71 33.34
CA VAL A 377 -10.78 -2.46 32.59
C VAL A 377 -9.42 -2.24 31.98
N TYR A 378 -9.38 -2.15 30.65
CA TYR A 378 -8.14 -2.12 29.92
C TYR A 378 -7.86 -0.75 29.32
N ALA A 379 -6.75 -0.17 29.72
CA ALA A 379 -6.24 1.03 29.05
C ALA A 379 -4.78 0.79 28.73
N VAL A 380 -4.19 1.61 27.88
CA VAL A 380 -2.77 1.44 27.61
C VAL A 380 -1.94 2.07 28.73
N ALA A 381 -0.67 1.68 28.81
CA ALA A 381 0.20 2.08 29.91
C ALA A 381 0.24 3.59 30.16
N SER A 382 0.17 4.37 29.09
CA SER A 382 0.22 5.82 29.16
C SER A 382 -1.01 6.43 29.80
N GLY A 383 -2.06 5.63 29.94
CA GLY A 383 -3.31 6.15 30.45
C GLY A 383 -4.23 6.70 29.36
N ARG A 384 -3.82 6.60 28.11
CA ARG A 384 -4.69 6.96 26.99
C ARG A 384 -5.93 6.09 27.04
N ILE A 385 -7.08 6.73 26.90
CA ILE A 385 -8.34 6.01 26.80
C ILE A 385 -9.06 6.41 25.52
N ASN A 386 -9.83 5.48 24.99
CA ASN A 386 -10.69 5.74 23.86
C ASN A 386 -12.12 5.77 24.38
N VAL A 387 -12.73 6.95 24.35
CA VAL A 387 -14.06 7.09 24.92
C VAL A 387 -15.13 6.36 24.10
N ALA A 388 -14.81 6.01 22.86
CA ALA A 388 -15.72 5.18 22.08
C ALA A 388 -15.84 3.74 22.62
N GLY A 389 -14.95 3.38 23.56
CA GLY A 389 -15.08 2.11 24.25
C GLY A 389 -16.11 2.13 25.38
N MET A 390 -16.65 3.31 25.64
CA MET A 390 -17.68 3.48 26.67
C MET A 390 -19.07 3.43 26.04
N THR A 391 -20.00 2.86 26.80
CA THR A 391 -21.41 2.81 26.41
C THR A 391 -22.27 3.17 27.62
N PRO A 392 -23.53 3.52 27.39
CA PRO A 392 -24.41 3.77 28.53
C PRO A 392 -24.45 2.59 29.49
N ASP A 393 -24.43 1.37 28.95
CA ASP A 393 -24.51 0.16 29.77
C ASP A 393 -23.24 -0.14 30.58
N ASN A 394 -22.08 0.18 30.02
CA ASN A 394 -20.84 -0.16 30.72
C ASN A 394 -20.28 0.99 31.57
N MET A 395 -20.91 2.15 31.49
CA MET A 395 -20.34 3.34 32.11
C MET A 395 -20.27 3.30 33.64
N ALA A 396 -21.33 2.83 34.29
CA ALA A 396 -21.35 2.78 35.74
C ALA A 396 -20.29 1.84 36.32
N PRO A 397 -20.23 0.59 35.83
CA PRO A 397 -19.19 -0.32 36.34
C PRO A 397 -17.78 0.22 36.07
N LEU A 398 -17.58 0.80 34.89
CA LEU A 398 -16.30 1.39 34.53
C LEU A 398 -15.89 2.49 35.51
N CYS A 399 -16.82 3.39 35.79
CA CYS A 399 -16.53 4.51 36.67
C CYS A 399 -16.35 4.06 38.12
N GLU A 400 -17.10 3.05 38.53
CA GLU A 400 -16.92 2.52 39.87
C GLU A 400 -15.51 1.97 40.04
N ALA A 401 -15.00 1.30 39.00
CA ALA A 401 -13.66 0.73 39.04
C ALA A 401 -12.60 1.85 39.11
N ILE A 402 -12.77 2.87 38.30
CA ILE A 402 -11.84 4.00 38.31
C ILE A 402 -11.82 4.68 39.67
N VAL A 403 -13.00 4.96 40.22
CA VAL A 403 -13.07 5.58 41.54
C VAL A 403 -12.34 4.72 42.59
N ALA A 404 -12.44 3.41 42.45
CA ALA A 404 -11.83 2.49 43.41
C ALA A 404 -10.30 2.52 43.38
N VAL A 405 -9.71 2.90 42.26
CA VAL A 405 -8.24 2.87 42.18
C VAL A 405 -7.62 4.25 42.41
N LEU A 406 -8.45 5.27 42.49
CA LEU A 406 -7.96 6.64 42.71
C LEU A 406 -7.42 6.85 44.12
N HIS B 8 12.61 33.45 2.33
CA HIS B 8 12.97 32.04 2.22
C HIS B 8 12.55 31.47 0.87
N VAL B 9 13.53 31.07 0.05
CA VAL B 9 13.24 30.37 -1.19
C VAL B 9 12.41 29.12 -0.86
N GLY B 10 11.47 28.78 -1.72
CA GLY B 10 10.63 27.61 -1.49
C GLY B 10 11.40 26.31 -1.44
N THR B 11 10.94 25.40 -0.59
CA THR B 11 11.53 24.07 -0.49
C THR B 11 11.40 23.29 -1.80
N PHE B 12 10.34 23.57 -2.55
CA PHE B 12 10.06 22.85 -3.81
C PHE B 12 10.50 23.64 -5.03
N GLU B 13 10.96 24.87 -4.82
CA GLU B 13 11.17 25.79 -5.92
C GLU B 13 12.18 25.29 -6.96
N ASN B 14 13.19 24.55 -6.52
CA ASN B 14 14.26 24.11 -7.41
C ASN B 14 14.24 22.62 -7.75
N ILE B 15 13.11 21.95 -7.52
CA ILE B 15 13.04 20.54 -7.84
C ILE B 15 13.03 20.31 -9.35
N THR B 16 13.92 19.43 -9.82
CA THR B 16 13.93 19.06 -11.22
C THR B 16 12.83 18.03 -11.46
N ALA B 17 12.04 18.21 -12.51
CA ALA B 17 10.98 17.26 -12.83
C ALA B 17 11.55 15.88 -13.13
N ALA B 18 10.83 14.84 -12.74
CA ALA B 18 11.21 13.49 -13.15
C ALA B 18 10.98 13.37 -14.66
N PRO B 19 11.78 12.52 -15.32
CA PRO B 19 11.57 12.33 -16.76
C PRO B 19 10.16 11.82 -17.04
N ALA B 20 9.57 12.26 -18.14
CA ALA B 20 8.25 11.76 -18.53
C ALA B 20 8.30 10.26 -18.78
N ASP B 21 7.24 9.56 -18.40
CA ASP B 21 7.15 8.13 -18.63
C ASP B 21 6.80 7.85 -20.09
N PRO B 22 7.76 7.29 -20.85
CA PRO B 22 7.55 7.12 -22.29
C PRO B 22 6.37 6.20 -22.60
N ILE B 23 6.10 5.23 -21.73
CA ILE B 23 5.02 4.29 -21.98
C ILE B 23 3.67 4.98 -21.82
N LEU B 24 3.56 5.85 -20.82
CA LEU B 24 2.36 6.65 -20.63
C LEU B 24 2.15 7.56 -21.84
N GLY B 25 3.24 8.08 -22.39
CA GLY B 25 3.18 8.92 -23.58
C GLY B 25 2.64 8.14 -24.77
N LEU B 26 3.07 6.90 -24.89
N LEU B 26 3.09 6.90 -24.94
CA LEU B 26 2.62 6.02 -25.97
CA LEU B 26 2.58 6.08 -26.02
C LEU B 26 1.14 5.70 -25.83
C LEU B 26 1.09 5.81 -25.84
N ALA B 27 0.68 5.58 -24.59
CA ALA B 27 -0.73 5.29 -24.32
C ALA B 27 -1.60 6.49 -24.68
N ASP B 28 -1.10 7.70 -24.41
CA ASP B 28 -1.80 8.93 -24.78
C ASP B 28 -1.92 9.03 -26.30
N LEU B 29 -0.82 8.76 -27.00
CA LEU B 29 -0.84 8.83 -28.46
C LEU B 29 -1.82 7.80 -29.03
N PHE B 30 -1.79 6.59 -28.48
CA PHE B 30 -2.73 5.57 -28.93
C PHE B 30 -4.17 6.04 -28.75
N ARG B 31 -4.50 6.57 -27.59
CA ARG B 31 -5.86 7.04 -27.33
C ARG B 31 -6.30 8.08 -28.36
N ALA B 32 -5.38 8.97 -28.74
CA ALA B 32 -5.70 10.06 -29.65
C ALA B 32 -5.66 9.65 -31.13
N ASP B 33 -5.17 8.45 -31.40
CA ASP B 33 -4.99 7.95 -32.76
C ASP B 33 -6.34 7.57 -33.36
N GLU B 34 -6.72 8.24 -34.45
CA GLU B 34 -8.04 8.02 -35.03
C GLU B 34 -8.07 6.93 -36.11
N ARG B 35 -6.93 6.30 -36.36
CA ARG B 35 -6.86 5.26 -37.38
C ARG B 35 -7.55 3.98 -36.91
N PRO B 36 -8.49 3.47 -37.72
CA PRO B 36 -9.27 2.32 -37.27
C PRO B 36 -8.47 1.02 -37.19
N GLY B 37 -7.29 0.98 -37.81
CA GLY B 37 -6.49 -0.22 -37.80
C GLY B 37 -5.47 -0.28 -36.66
N LYS B 38 -5.56 0.65 -35.72
CA LYS B 38 -4.56 0.69 -34.65
C LYS B 38 -4.64 -0.53 -33.72
N VAL B 39 -3.48 -0.93 -33.19
N VAL B 39 -3.47 -0.95 -33.23
CA VAL B 39 -3.43 -2.05 -32.26
CA VAL B 39 -3.38 -2.05 -32.29
C VAL B 39 -2.28 -1.86 -31.27
C VAL B 39 -2.30 -1.72 -31.26
N ASP B 40 -2.58 -1.98 -29.98
CA ASP B 40 -1.60 -1.71 -28.93
C ASP B 40 -1.05 -3.01 -28.36
N LEU B 41 0.15 -3.37 -28.79
CA LEU B 41 0.84 -4.53 -28.23
C LEU B 41 1.74 -4.14 -27.05
N GLY B 42 1.73 -2.86 -26.68
CA GLY B 42 2.54 -2.37 -25.58
C GLY B 42 1.87 -2.45 -24.21
N VAL B 43 0.63 -2.93 -24.16
CA VAL B 43 -0.11 -2.97 -22.90
C VAL B 43 0.51 -3.95 -21.89
N GLY B 44 0.20 -3.72 -20.62
CA GLY B 44 0.89 -4.40 -19.54
C GLY B 44 0.05 -5.36 -18.73
N VAL B 45 -1.16 -5.62 -19.21
CA VAL B 45 -2.14 -6.47 -18.52
C VAL B 45 -2.72 -7.49 -19.47
N TYR B 46 -3.41 -8.49 -18.92
CA TYR B 46 -4.18 -9.42 -19.74
C TYR B 46 -5.37 -8.75 -20.43
N LYS B 47 -5.66 -9.17 -21.65
CA LYS B 47 -6.91 -8.81 -22.33
C LYS B 47 -7.50 -10.06 -22.95
N ASP B 48 -8.83 -10.15 -22.93
CA ASP B 48 -9.53 -11.26 -23.57
C ASP B 48 -9.68 -11.01 -25.06
N GLU B 49 -10.43 -11.90 -25.71
N GLU B 49 -10.38 -11.90 -25.76
CA GLU B 49 -10.60 -11.92 -27.16
CA GLU B 49 -10.45 -11.78 -27.21
C GLU B 49 -11.35 -10.68 -27.69
C GLU B 49 -11.19 -10.52 -27.67
N THR B 50 -12.02 -9.97 -26.80
CA THR B 50 -12.74 -8.74 -27.14
C THR B 50 -11.95 -7.48 -26.80
N GLY B 51 -10.76 -7.66 -26.25
CA GLY B 51 -9.93 -6.52 -25.90
C GLY B 51 -10.22 -5.93 -24.53
N LYS B 52 -10.96 -6.68 -23.71
CA LYS B 52 -11.29 -6.21 -22.38
C LYS B 52 -10.44 -6.87 -21.32
N THR B 53 -10.28 -6.18 -20.19
CA THR B 53 -9.62 -6.74 -19.02
C THR B 53 -10.75 -6.86 -17.98
N PRO B 54 -11.63 -7.85 -18.14
CA PRO B 54 -12.76 -7.89 -17.21
C PRO B 54 -12.37 -8.33 -15.79
N VAL B 55 -13.32 -8.13 -14.89
CA VAL B 55 -13.26 -8.73 -13.56
C VAL B 55 -13.60 -10.22 -13.72
N MET B 56 -12.76 -11.09 -13.17
CA MET B 56 -13.03 -12.53 -13.26
C MET B 56 -14.35 -12.86 -12.56
N THR B 57 -15.08 -13.84 -13.11
N THR B 57 -15.09 -13.83 -13.09
CA THR B 57 -16.36 -14.22 -12.55
CA THR B 57 -16.38 -14.14 -12.51
C THR B 57 -16.22 -14.63 -11.09
C THR B 57 -16.25 -14.66 -11.08
N SER B 58 -15.18 -15.41 -10.80
CA SER B 58 -14.95 -15.86 -9.44
C SER B 58 -14.76 -14.66 -8.49
N VAL B 59 -14.11 -13.62 -8.98
CA VAL B 59 -13.87 -12.41 -8.19
C VAL B 59 -15.20 -11.69 -7.92
N LYS B 60 -16.03 -11.53 -8.94
CA LYS B 60 -17.33 -10.90 -8.72
C LYS B 60 -18.14 -11.68 -7.70
N LYS B 61 -18.12 -13.01 -7.80
CA LYS B 61 -18.86 -13.81 -6.84
C LYS B 61 -18.33 -13.63 -5.42
N ALA B 62 -17.00 -13.62 -5.28
CA ALA B 62 -16.39 -13.39 -3.99
C ALA B 62 -16.73 -12.01 -3.44
N GLU B 63 -16.73 -11.01 -4.32
CA GLU B 63 -17.05 -9.63 -3.89
C GLU B 63 -18.48 -9.53 -3.41
N GLN B 64 -19.39 -10.25 -4.07
CA GLN B 64 -20.78 -10.25 -3.62
C GLN B 64 -20.90 -10.92 -2.25
N TYR B 65 -20.17 -12.02 -2.05
CA TYR B 65 -20.18 -12.68 -0.75
C TYR B 65 -19.66 -11.76 0.35
N LEU B 66 -18.57 -11.04 0.08
CA LEU B 66 -18.02 -10.09 1.05
C LEU B 66 -19.00 -8.97 1.33
N LEU B 67 -19.63 -8.44 0.29
CA LEU B 67 -20.63 -7.39 0.48
C LEU B 67 -21.74 -7.85 1.44
N GLU B 68 -22.18 -9.10 1.26
CA GLU B 68 -23.29 -9.64 2.02
C GLU B 68 -22.91 -10.07 3.44
N ASN B 69 -21.62 -10.30 3.69
CA ASN B 69 -21.22 -10.88 4.97
C ASN B 69 -20.24 -10.09 5.84
N GLU B 70 -19.46 -9.20 5.25
CA GLU B 70 -18.54 -8.39 6.03
C GLU B 70 -19.28 -7.48 7.00
N THR B 71 -18.90 -7.49 8.28
CA THR B 71 -19.57 -6.66 9.28
C THR B 71 -18.67 -5.59 9.88
N THR B 72 -17.39 -5.57 9.49
CA THR B 72 -16.46 -4.57 9.99
C THR B 72 -15.33 -4.40 9.00
N LYS B 73 -14.71 -3.22 8.97
CA LYS B 73 -13.46 -3.03 8.25
C LYS B 73 -12.35 -2.60 9.21
N THR B 74 -12.48 -3.00 10.47
CA THR B 74 -11.45 -2.68 11.46
C THR B 74 -10.07 -3.20 11.01
N TYR B 75 -9.00 -2.55 11.47
CA TYR B 75 -7.65 -2.92 11.07
C TYR B 75 -7.33 -4.38 11.32
N LEU B 76 -6.59 -4.97 10.41
CA LEU B 76 -5.90 -6.22 10.68
C LEU B 76 -4.48 -5.89 11.11
N GLY B 77 -3.69 -6.93 11.37
CA GLY B 77 -2.29 -6.74 11.74
C GLY B 77 -1.40 -6.36 10.58
N LEU B 78 -0.13 -6.10 10.89
N LEU B 78 -0.13 -6.11 10.91
CA LEU B 78 0.82 -5.65 9.87
CA LEU B 78 0.88 -5.69 9.95
C LEU B 78 1.04 -6.70 8.78
C LEU B 78 1.00 -6.69 8.80
N ASP B 79 0.77 -7.96 9.11
CA ASP B 79 0.88 -9.04 8.13
C ASP B 79 -0.40 -9.35 7.36
N GLY B 80 -1.47 -8.61 7.64
CA GLY B 80 -2.71 -8.77 6.92
C GLY B 80 -3.54 -9.98 7.32
N LEU B 81 -4.26 -10.54 6.37
CA LEU B 81 -5.25 -11.59 6.64
C LEU B 81 -4.57 -12.95 6.74
N PRO B 82 -4.64 -13.60 7.91
CA PRO B 82 -3.92 -14.87 8.05
C PRO B 82 -4.32 -15.92 7.01
N GLU B 83 -5.61 -16.04 6.70
CA GLU B 83 -6.03 -17.05 5.72
C GLU B 83 -5.39 -16.78 4.36
N PHE B 84 -5.22 -15.50 4.00
CA PHE B 84 -4.58 -15.16 2.75
C PHE B 84 -3.13 -15.61 2.75
N GLY B 85 -2.46 -15.46 3.89
CA GLY B 85 -1.08 -15.89 4.01
C GLY B 85 -0.95 -17.39 3.83
N ARG B 86 -1.86 -18.13 4.44
N ARG B 86 -1.86 -18.13 4.46
CA ARG B 86 -1.82 -19.58 4.34
CA ARG B 86 -1.88 -19.58 4.36
C ARG B 86 -2.13 -20.05 2.92
C ARG B 86 -2.12 -20.02 2.92
N CYS B 87 -3.13 -19.44 2.30
CA CYS B 87 -3.45 -19.77 0.92
C CYS B 87 -2.28 -19.47 -0.01
N THR B 88 -1.61 -18.34 0.21
CA THR B 88 -0.43 -17.99 -0.58
C THR B 88 0.66 -19.03 -0.41
N GLN B 89 0.95 -19.39 0.83
CA GLN B 89 2.00 -20.37 1.07
C GLN B 89 1.68 -21.72 0.41
N GLU B 90 0.42 -22.12 0.42
CA GLU B 90 0.03 -23.39 -0.18
C GLU B 90 0.19 -23.32 -1.70
N LEU B 91 -0.18 -22.20 -2.31
CA LEU B 91 0.03 -22.04 -3.75
C LEU B 91 1.52 -22.12 -4.09
N LEU B 92 2.34 -21.47 -3.29
CA LEU B 92 3.78 -21.40 -3.58
C LEU B 92 4.50 -22.72 -3.37
N PHE B 93 4.28 -23.32 -2.21
CA PHE B 93 5.11 -24.45 -1.77
C PHE B 93 4.41 -25.79 -1.93
N GLY B 94 3.09 -25.75 -2.10
CA GLY B 94 2.26 -26.95 -2.17
C GLY B 94 1.72 -27.31 -0.79
N LYS B 95 0.43 -27.64 -0.71
CA LYS B 95 -0.11 -28.09 0.56
C LYS B 95 0.64 -29.36 0.97
N GLY B 96 1.01 -29.44 2.24
CA GLY B 96 1.74 -30.59 2.73
C GLY B 96 3.26 -30.45 2.65
N SER B 97 3.71 -29.35 2.07
CA SER B 97 5.12 -29.01 1.99
C SER B 97 5.83 -29.21 3.34
N ALA B 98 7.02 -29.81 3.32
CA ALA B 98 7.78 -30.02 4.53
C ALA B 98 8.15 -28.68 5.12
N LEU B 99 8.34 -27.71 4.24
CA LEU B 99 8.67 -26.36 4.63
C LEU B 99 7.58 -25.80 5.55
N ILE B 100 6.33 -25.93 5.11
CA ILE B 100 5.18 -25.44 5.87
C ILE B 100 5.01 -26.25 7.15
N ASN B 101 5.12 -27.57 7.03
CA ASN B 101 4.96 -28.44 8.20
C ASN B 101 5.98 -28.12 9.29
N ASP B 102 7.19 -27.76 8.87
CA ASP B 102 8.28 -27.43 9.80
C ASP B 102 8.24 -25.98 10.31
N LYS B 103 7.21 -25.23 9.88
CA LYS B 103 6.97 -23.88 10.39
C LYS B 103 8.13 -22.95 10.07
N ARG B 104 8.72 -23.14 8.89
CA ARG B 104 9.88 -22.34 8.48
C ARG B 104 9.52 -21.10 7.65
N ALA B 105 8.24 -20.91 7.35
CA ALA B 105 7.80 -19.80 6.50
C ALA B 105 6.87 -18.85 7.23
N ARG B 106 7.05 -17.56 6.99
CA ARG B 106 6.09 -16.56 7.46
C ARG B 106 5.79 -15.63 6.30
N THR B 107 4.53 -15.22 6.18
CA THR B 107 4.09 -14.38 5.06
C THR B 107 3.39 -13.12 5.54
N ALA B 108 3.80 -11.99 4.99
CA ALA B 108 3.05 -10.75 5.14
C ALA B 108 2.33 -10.44 3.84
N GLN B 109 1.02 -10.30 3.91
CA GLN B 109 0.25 -9.75 2.79
C GLN B 109 0.77 -8.32 2.58
N THR B 110 0.92 -7.92 1.32
CA THR B 110 1.48 -6.60 0.97
C THR B 110 0.65 -5.98 -0.14
N PRO B 111 0.80 -4.67 -0.36
CA PRO B 111 0.15 -4.01 -1.49
C PRO B 111 0.86 -4.35 -2.81
N GLY B 112 0.44 -5.48 -3.37
CA GLY B 112 0.97 -6.01 -4.61
C GLY B 112 2.31 -6.70 -4.45
N GLY B 113 2.78 -7.29 -5.53
CA GLY B 113 4.15 -7.77 -5.58
C GLY B 113 5.14 -6.62 -5.45
N SER B 114 4.76 -5.43 -5.94
N SER B 114 4.76 -5.43 -5.93
CA SER B 114 5.62 -4.25 -5.80
CA SER B 114 5.64 -4.27 -5.80
C SER B 114 5.88 -3.96 -4.33
C SER B 114 5.88 -3.95 -4.33
N GLY B 115 4.81 -3.92 -3.55
CA GLY B 115 4.92 -3.71 -2.12
C GLY B 115 5.75 -4.78 -1.45
N ALA B 116 5.59 -6.03 -1.89
CA ALA B 116 6.38 -7.12 -1.35
C ALA B 116 7.88 -6.90 -1.60
N LEU B 117 8.21 -6.46 -2.79
CA LEU B 117 9.61 -6.21 -3.15
C LEU B 117 10.20 -5.07 -2.31
N ARG B 118 9.42 -4.00 -2.11
CA ARG B 118 9.93 -2.89 -1.31
C ARG B 118 10.09 -3.27 0.16
N VAL B 119 9.11 -4.00 0.69
CA VAL B 119 9.21 -4.48 2.06
C VAL B 119 10.45 -5.39 2.23
N ALA B 120 10.65 -6.30 1.29
CA ALA B 120 11.85 -7.13 1.32
C ALA B 120 13.12 -6.27 1.29
N ALA B 121 13.16 -5.28 0.40
CA ALA B 121 14.33 -4.39 0.30
C ALA B 121 14.60 -3.66 1.60
N ASP B 122 13.57 -3.07 2.18
CA ASP B 122 13.74 -2.32 3.43
C ASP B 122 14.18 -3.26 4.55
N PHE B 123 13.56 -4.44 4.61
CA PHE B 123 13.92 -5.44 5.60
C PHE B 123 15.40 -5.84 5.48
N LEU B 124 15.84 -6.12 4.25
CA LEU B 124 17.23 -6.50 4.03
C LEU B 124 18.19 -5.38 4.40
N ALA B 125 17.87 -4.15 4.01
CA ALA B 125 18.80 -3.05 4.21
C ALA B 125 19.00 -2.73 5.67
N LYS B 126 17.94 -2.87 6.46
CA LYS B 126 18.00 -2.51 7.87
C LYS B 126 18.46 -3.65 8.80
N ASN B 127 18.32 -4.89 8.36
CA ASN B 127 18.56 -6.02 9.26
C ASN B 127 19.61 -7.03 8.84
N THR B 128 20.20 -6.85 7.66
CA THR B 128 21.19 -7.78 7.15
C THR B 128 22.40 -7.05 6.57
N SER B 129 23.41 -7.83 6.21
CA SER B 129 24.60 -7.27 5.61
C SER B 129 24.52 -7.28 4.08
N VAL B 130 23.34 -7.57 3.53
CA VAL B 130 23.17 -7.57 2.08
C VAL B 130 23.52 -6.20 1.49
N LYS B 131 24.38 -6.20 0.49
CA LYS B 131 24.80 -4.94 -0.15
C LYS B 131 24.33 -4.86 -1.60
N ARG B 132 24.08 -6.00 -2.21
CA ARG B 132 23.85 -6.09 -3.64
C ARG B 132 22.74 -7.06 -3.96
N VAL B 133 21.90 -6.68 -4.94
CA VAL B 133 20.86 -7.52 -5.46
C VAL B 133 21.14 -7.72 -6.95
N TRP B 134 21.21 -8.98 -7.38
CA TRP B 134 21.46 -9.31 -8.78
C TRP B 134 20.17 -9.60 -9.50
N VAL B 135 19.95 -8.93 -10.63
CA VAL B 135 18.75 -9.14 -11.45
C VAL B 135 19.13 -9.52 -12.87
N SER B 136 18.24 -10.24 -13.55
CA SER B 136 18.53 -10.66 -14.92
C SER B 136 18.57 -9.47 -15.86
N ASN B 137 19.33 -9.62 -16.95
CA ASN B 137 19.26 -8.69 -18.07
C ASN B 137 18.54 -9.37 -19.22
N PRO B 138 17.29 -8.93 -19.52
CA PRO B 138 16.51 -7.84 -18.92
C PRO B 138 15.71 -8.36 -17.73
N THR B 139 15.06 -7.44 -17.03
CA THR B 139 14.18 -7.82 -15.92
C THR B 139 12.97 -6.89 -15.91
N TRP B 140 12.10 -7.06 -14.92
CA TRP B 140 10.99 -6.15 -14.71
C TRP B 140 11.56 -4.75 -14.52
N PRO B 141 11.07 -3.78 -15.29
CA PRO B 141 11.69 -2.44 -15.26
C PRO B 141 11.79 -1.77 -13.89
N ASN B 142 10.87 -2.10 -12.99
N ASN B 142 10.88 -2.10 -12.98
CA ASN B 142 10.80 -1.43 -11.70
CA ASN B 142 10.85 -1.39 -11.71
C ASN B 142 11.70 -2.02 -10.61
C ASN B 142 11.69 -2.02 -10.60
N HIS B 143 12.34 -3.15 -10.89
CA HIS B 143 13.20 -3.76 -9.87
C HIS B 143 14.29 -2.79 -9.39
N LYS B 144 14.99 -2.15 -10.30
CA LYS B 144 16.13 -1.33 -9.91
C LYS B 144 15.73 -0.22 -8.95
N ALA B 145 14.67 0.50 -9.27
CA ALA B 145 14.24 1.64 -8.44
C ALA B 145 13.86 1.20 -7.03
N ILE B 146 13.18 0.06 -6.93
CA ILE B 146 12.74 -0.45 -5.63
C ILE B 146 13.96 -0.78 -4.76
N PHE B 147 14.90 -1.55 -5.27
CA PHE B 147 16.03 -1.93 -4.44
C PHE B 147 16.96 -0.74 -4.17
N ASN B 148 17.17 0.10 -5.18
CA ASN B 148 18.00 1.28 -4.95
C ASN B 148 17.39 2.19 -3.88
N SER B 149 16.07 2.25 -3.79
CA SER B 149 15.41 3.14 -2.83
C SER B 149 15.78 2.78 -1.39
N ALA B 150 16.11 1.51 -1.18
CA ALA B 150 16.52 1.01 0.13
C ALA B 150 18.03 1.07 0.33
N GLY B 151 18.74 1.59 -0.65
CA GLY B 151 20.18 1.76 -0.54
C GLY B 151 20.95 0.54 -1.01
N LEU B 152 20.27 -0.39 -1.67
CA LEU B 152 20.91 -1.59 -2.16
C LEU B 152 21.40 -1.41 -3.59
N GLU B 153 22.63 -1.80 -3.86
CA GLU B 153 23.14 -1.77 -5.24
C GLU B 153 22.45 -2.85 -6.06
N VAL B 154 22.15 -2.55 -7.31
CA VAL B 154 21.58 -3.53 -8.22
C VAL B 154 22.58 -3.83 -9.35
N ARG B 155 22.91 -5.11 -9.51
CA ARG B 155 23.80 -5.55 -10.59
C ARG B 155 23.05 -6.50 -11.50
N GLU B 156 23.44 -6.57 -12.78
CA GLU B 156 22.79 -7.42 -13.75
C GLU B 156 23.59 -8.68 -14.02
N TYR B 157 22.89 -9.81 -14.15
CA TYR B 157 23.49 -11.02 -14.64
C TYR B 157 22.95 -11.37 -16.05
N ALA B 158 23.73 -12.15 -16.78
CA ALA B 158 23.37 -12.55 -18.13
C ALA B 158 22.15 -13.45 -18.10
N TYR B 159 21.27 -13.28 -19.08
CA TYR B 159 20.06 -14.11 -19.12
C TYR B 159 19.60 -14.37 -20.54
N TYR B 160 19.14 -13.33 -21.24
CA TYR B 160 18.56 -13.51 -22.57
C TYR B 160 19.55 -13.22 -23.68
N ASP B 161 19.64 -14.16 -24.62
CA ASP B 161 20.37 -14.00 -25.87
C ASP B 161 19.34 -13.46 -26.87
N ALA B 162 19.41 -12.16 -27.14
CA ALA B 162 18.40 -11.50 -27.97
C ALA B 162 18.51 -11.86 -29.46
N GLU B 163 19.72 -12.15 -29.92
CA GLU B 163 19.92 -12.48 -31.33
C GLU B 163 19.34 -13.85 -31.68
N ASN B 164 19.46 -14.79 -30.75
CA ASN B 164 19.08 -16.16 -31.00
C ASN B 164 17.81 -16.57 -30.26
N HIS B 165 17.32 -15.66 -29.41
CA HIS B 165 16.02 -15.78 -28.76
C HIS B 165 15.99 -16.94 -27.77
N THR B 166 17.03 -17.03 -26.96
CA THR B 166 17.14 -18.10 -25.97
C THR B 166 17.56 -17.58 -24.62
N LEU B 167 17.26 -18.35 -23.59
CA LEU B 167 17.88 -18.17 -22.29
C LEU B 167 19.29 -18.78 -22.40
N ASP B 168 20.31 -17.92 -22.34
CA ASP B 168 21.69 -18.39 -22.49
C ASP B 168 22.18 -18.85 -21.13
N PHE B 169 21.91 -20.10 -20.82
CA PHE B 169 22.13 -20.59 -19.46
C PHE B 169 23.59 -20.60 -19.05
N ASP B 170 24.48 -20.97 -19.97
CA ASP B 170 25.90 -20.98 -19.64
C ASP B 170 26.40 -19.56 -19.32
N ALA B 171 25.94 -18.59 -20.09
CA ALA B 171 26.32 -17.19 -19.83
C ALA B 171 25.78 -16.74 -18.47
N LEU B 172 24.55 -17.15 -18.16
CA LEU B 172 23.93 -16.84 -16.89
C LEU B 172 24.81 -17.32 -15.73
N ILE B 173 25.08 -18.62 -15.70
CA ILE B 173 25.82 -19.15 -14.55
C ILE B 173 27.24 -18.59 -14.46
N ASN B 174 27.92 -18.39 -15.58
CA ASN B 174 29.25 -17.80 -15.51
C ASN B 174 29.23 -16.36 -14.99
N SER B 175 28.24 -15.58 -15.42
CA SER B 175 28.13 -14.19 -14.98
C SER B 175 27.88 -14.10 -13.48
N LEU B 176 27.16 -15.08 -12.94
CA LEU B 176 26.89 -15.08 -11.51
C LEU B 176 28.08 -15.49 -10.64
N ASN B 177 29.20 -15.84 -11.26
CA ASN B 177 30.38 -16.11 -10.46
C ASN B 177 30.85 -14.84 -9.76
N GLU B 178 30.37 -13.70 -10.24
CA GLU B 178 30.72 -12.42 -9.66
C GLU B 178 29.90 -12.12 -8.40
N ALA B 179 28.78 -12.80 -8.24
CA ALA B 179 27.97 -12.61 -7.05
C ALA B 179 28.66 -13.25 -5.86
N GLN B 180 28.71 -12.52 -4.75
CA GLN B 180 29.41 -12.97 -3.54
C GLN B 180 28.45 -13.67 -2.58
N ALA B 181 28.99 -14.50 -1.70
CA ALA B 181 28.20 -15.09 -0.64
C ALA B 181 27.51 -13.99 0.14
N GLY B 182 26.21 -14.15 0.37
CA GLY B 182 25.45 -13.14 1.08
C GLY B 182 24.78 -12.12 0.18
N ASP B 183 25.14 -12.08 -1.10
CA ASP B 183 24.41 -11.23 -2.04
C ASP B 183 23.04 -11.85 -2.26
N VAL B 184 22.06 -11.03 -2.63
CA VAL B 184 20.77 -11.56 -3.07
C VAL B 184 20.81 -11.76 -4.58
N VAL B 185 20.28 -12.88 -5.05
CA VAL B 185 20.09 -13.09 -6.48
C VAL B 185 18.60 -13.29 -6.72
N LEU B 186 18.04 -12.44 -7.57
CA LEU B 186 16.61 -12.46 -7.87
C LEU B 186 16.32 -13.27 -9.11
N PHE B 187 15.39 -14.22 -9.00
CA PHE B 187 14.93 -15.01 -10.13
C PHE B 187 13.43 -14.85 -10.31
N HIS B 188 12.98 -14.70 -11.56
CA HIS B 188 11.54 -14.73 -11.83
C HIS B 188 11.05 -16.17 -11.76
N GLY B 189 10.00 -16.41 -10.99
CA GLY B 189 9.54 -17.78 -10.74
C GLY B 189 9.05 -18.50 -11.99
N CYS B 190 8.35 -17.76 -12.85
CA CYS B 190 7.84 -18.30 -14.11
C CYS B 190 7.44 -17.15 -15.01
N CYS B 191 7.24 -17.43 -16.30
CA CYS B 191 6.86 -16.39 -17.23
C CYS B 191 7.75 -15.18 -17.01
N HIS B 192 9.04 -15.39 -17.23
CA HIS B 192 9.99 -14.29 -17.11
C HIS B 192 9.47 -13.04 -17.80
N ASN B 193 9.54 -11.91 -17.10
CA ASN B 193 9.06 -10.66 -17.65
C ASN B 193 10.27 -9.78 -17.92
N PRO B 194 10.57 -9.44 -19.19
CA PRO B 194 9.68 -9.44 -20.37
C PRO B 194 9.92 -10.52 -21.42
N THR B 195 10.81 -11.47 -21.18
CA THR B 195 11.20 -12.39 -22.28
C THR B 195 10.34 -13.63 -22.47
N GLY B 196 9.66 -14.08 -21.42
CA GLY B 196 8.94 -15.34 -21.46
C GLY B 196 9.85 -16.56 -21.51
N ALA B 197 11.17 -16.35 -21.40
CA ALA B 197 12.12 -17.46 -21.45
C ALA B 197 12.43 -17.91 -20.04
N ASP B 198 12.01 -19.13 -19.70
CA ASP B 198 12.15 -19.65 -18.35
C ASP B 198 13.16 -20.79 -18.28
N PRO B 199 13.84 -20.95 -17.14
CA PRO B 199 14.65 -22.16 -16.92
C PRO B 199 13.77 -23.40 -17.01
N THR B 200 14.34 -24.49 -17.52
CA THR B 200 13.70 -25.80 -17.41
C THR B 200 13.81 -26.25 -15.96
N LEU B 201 13.10 -27.32 -15.62
CA LEU B 201 13.20 -27.84 -14.26
C LEU B 201 14.65 -28.23 -13.93
N GLU B 202 15.33 -28.87 -14.86
CA GLU B 202 16.73 -29.27 -14.64
C GLU B 202 17.62 -28.04 -14.44
N GLN B 203 17.38 -27.00 -15.22
CA GLN B 203 18.11 -25.74 -15.01
C GLN B 203 17.82 -25.11 -13.64
N TRP B 204 16.56 -25.11 -13.23
CA TRP B 204 16.20 -24.64 -11.90
C TRP B 204 16.95 -25.43 -10.82
N GLN B 205 17.01 -26.75 -11.00
CA GLN B 205 17.72 -27.59 -10.04
C GLN B 205 19.22 -27.26 -10.00
N THR B 206 19.79 -27.02 -11.18
CA THR B 206 21.18 -26.57 -11.25
C THR B 206 21.40 -25.22 -10.56
N LEU B 207 20.53 -24.25 -10.82
CA LEU B 207 20.61 -22.96 -10.15
C LEU B 207 20.46 -23.09 -8.64
N ALA B 208 19.54 -23.94 -8.20
CA ALA B 208 19.34 -24.12 -6.75
C ALA B 208 20.60 -24.68 -6.09
N GLN B 209 21.20 -25.70 -6.73
CA GLN B 209 22.44 -26.26 -6.20
C GLN B 209 23.58 -25.23 -6.19
N LEU B 210 23.72 -24.49 -7.28
CA LEU B 210 24.76 -23.48 -7.38
C LEU B 210 24.57 -22.44 -6.29
N SER B 211 23.32 -22.03 -6.07
CA SER B 211 23.01 -21.05 -5.07
C SER B 211 23.43 -21.50 -3.66
N VAL B 212 23.22 -22.77 -3.35
CA VAL B 212 23.67 -23.31 -2.07
C VAL B 212 25.20 -23.30 -1.97
N GLU B 213 25.88 -23.70 -3.03
CA GLU B 213 27.33 -23.74 -3.04
C GLU B 213 27.98 -22.36 -2.89
N LYS B 214 27.35 -21.34 -3.47
CA LYS B 214 27.92 -19.99 -3.51
C LYS B 214 27.47 -19.12 -2.33
N GLY B 215 26.42 -19.54 -1.63
CA GLY B 215 25.92 -18.80 -0.49
C GLY B 215 25.05 -17.59 -0.84
N TRP B 216 24.38 -17.64 -1.97
CA TRP B 216 23.44 -16.56 -2.35
C TRP B 216 22.18 -16.66 -1.53
N LEU B 217 21.56 -15.51 -1.27
CA LEU B 217 20.20 -15.50 -0.76
C LEU B 217 19.23 -15.33 -1.94
N PRO B 218 18.48 -16.38 -2.29
CA PRO B 218 17.58 -16.25 -3.43
C PRO B 218 16.34 -15.43 -3.08
N LEU B 219 15.96 -14.56 -4.00
CA LEU B 219 14.67 -13.88 -3.92
C LEU B 219 13.89 -14.28 -5.16
N ILE B 220 12.78 -14.97 -4.97
CA ILE B 220 11.96 -15.40 -6.11
C ILE B 220 10.80 -14.44 -6.28
N ASP B 221 10.73 -13.78 -7.43
CA ASP B 221 9.63 -12.88 -7.75
C ASP B 221 8.68 -13.68 -8.62
N ILE B 222 7.50 -13.97 -8.09
CA ILE B 222 6.52 -14.76 -8.84
C ILE B 222 5.19 -14.01 -9.00
N ALA B 223 4.92 -13.55 -10.22
CA ALA B 223 3.76 -12.72 -10.48
C ALA B 223 2.81 -13.34 -11.50
N TYR B 224 3.20 -14.47 -12.09
CA TYR B 224 2.39 -15.06 -13.15
C TYR B 224 2.09 -16.53 -12.95
N GLN B 225 2.03 -16.97 -11.69
CA GLN B 225 1.74 -18.38 -11.44
C GLN B 225 0.39 -18.77 -12.06
N GLY B 226 0.44 -19.73 -12.97
CA GLY B 226 -0.75 -20.16 -13.70
C GLY B 226 -0.78 -19.72 -15.16
N PHE B 227 0.07 -18.76 -15.54
CA PHE B 227 0.11 -18.28 -16.92
C PHE B 227 1.03 -19.06 -17.84
N GLY B 228 1.90 -19.89 -17.28
CA GLY B 228 2.87 -20.60 -18.08
C GLY B 228 2.36 -21.95 -18.56
N ARG B 229 2.45 -22.91 -17.67
CA ARG B 229 1.98 -24.27 -17.95
C ARG B 229 0.86 -24.72 -17.02
N GLY B 230 0.70 -24.03 -15.90
CA GLY B 230 -0.30 -24.41 -14.89
C GLY B 230 0.17 -24.01 -13.50
N LEU B 231 -0.74 -24.00 -12.53
CA LEU B 231 -0.39 -23.56 -11.17
C LEU B 231 0.76 -24.35 -10.56
N GLU B 232 0.67 -25.67 -10.59
CA GLU B 232 1.70 -26.50 -9.94
C GLU B 232 3.01 -26.46 -10.72
N GLU B 233 2.91 -26.57 -12.03
CA GLU B 233 4.09 -26.56 -12.89
C GLU B 233 4.86 -25.24 -12.78
N ASP B 234 4.12 -24.14 -12.70
CA ASP B 234 4.74 -22.82 -12.67
C ASP B 234 5.48 -22.56 -11.34
N ALA B 235 5.16 -23.37 -10.32
CA ALA B 235 5.82 -23.29 -9.01
C ALA B 235 7.02 -24.22 -8.87
N GLU B 236 7.30 -25.04 -9.89
CA GLU B 236 8.40 -26.01 -9.80
C GLU B 236 9.76 -25.39 -9.49
N GLY B 237 10.07 -24.28 -10.14
CA GLY B 237 11.36 -23.63 -9.92
C GLY B 237 11.50 -23.15 -8.49
N LEU B 238 10.48 -22.46 -7.99
CA LEU B 238 10.47 -22.01 -6.60
C LEU B 238 10.64 -23.21 -5.67
N ARG B 239 9.92 -24.28 -5.94
CA ARG B 239 9.98 -25.45 -5.08
C ARG B 239 11.34 -26.16 -5.13
N ALA B 240 12.02 -26.09 -6.26
CA ALA B 240 13.40 -26.60 -6.34
C ALA B 240 14.34 -25.81 -5.42
N PHE B 241 14.19 -24.49 -5.38
CA PHE B 241 14.94 -23.68 -4.43
C PHE B 241 14.56 -24.02 -3.00
N ALA B 242 13.26 -24.16 -2.75
CA ALA B 242 12.77 -24.44 -1.40
C ALA B 242 13.29 -25.76 -0.85
N ALA B 243 13.55 -26.71 -1.74
CA ALA B 243 14.01 -28.02 -1.33
C ALA B 243 15.46 -27.98 -0.83
N MET B 244 16.21 -27.00 -1.34
N MET B 244 16.26 -27.06 -1.34
CA MET B 244 17.66 -26.95 -1.22
CA MET B 244 17.67 -27.05 -0.96
C MET B 244 18.20 -25.88 -0.26
C MET B 244 17.99 -26.07 0.15
N HIS B 245 17.36 -24.90 0.06
CA HIS B 245 17.83 -23.75 0.82
C HIS B 245 17.35 -23.66 2.26
N LYS B 246 18.23 -23.16 3.11
CA LYS B 246 17.83 -22.82 4.45
C LYS B 246 17.01 -21.52 4.48
N GLU B 247 17.37 -20.58 3.61
CA GLU B 247 16.72 -19.27 3.57
C GLU B 247 16.32 -18.87 2.18
N LEU B 248 15.18 -18.19 2.07
CA LEU B 248 14.82 -17.51 0.85
C LEU B 248 13.77 -16.45 1.12
N ILE B 249 13.55 -15.60 0.13
CA ILE B 249 12.47 -14.62 0.13
C ILE B 249 11.66 -14.84 -1.13
N VAL B 250 10.33 -14.83 -0.99
CA VAL B 250 9.43 -14.85 -2.16
C VAL B 250 8.56 -13.60 -2.17
N ALA B 251 8.59 -12.88 -3.29
CA ALA B 251 7.64 -11.78 -3.52
C ALA B 251 6.63 -12.29 -4.50
N SER B 252 5.37 -12.38 -4.08
CA SER B 252 4.33 -12.91 -4.95
C SER B 252 3.24 -11.87 -5.22
N SER B 253 2.55 -12.04 -6.35
CA SER B 253 1.48 -11.14 -6.75
C SER B 253 0.24 -11.92 -7.18
N CYS B 254 -0.92 -11.38 -6.84
CA CYS B 254 -2.22 -11.88 -7.32
C CYS B 254 -2.83 -10.91 -8.32
N SER B 255 -2.08 -9.90 -8.72
CA SER B 255 -2.58 -8.89 -9.67
C SER B 255 -3.04 -9.49 -10.98
N1 LLP B 256 7.33 -8.46 -10.62
C2 LLP B 256 7.04 -8.81 -11.91
C2' LLP B 256 8.03 -9.71 -12.61
C3 LLP B 256 5.87 -8.39 -12.52
O3 LLP B 256 5.62 -8.72 -13.68
C4 LLP B 256 4.98 -7.57 -11.82
C4' LLP B 256 3.72 -7.12 -12.51
C5 LLP B 256 5.31 -7.20 -10.52
C6 LLP B 256 6.48 -7.65 -9.92
C5' LLP B 256 4.45 -6.30 -9.71
OP4 LLP B 256 3.22 -6.83 -9.25
P LLP B 256 2.06 -5.90 -8.67
OP1 LLP B 256 1.23 -6.89 -7.97
OP2 LLP B 256 2.69 -4.93 -7.73
OP3 LLP B 256 1.39 -5.22 -9.79
N LLP B 256 -2.24 -10.42 -11.49
CA LLP B 256 -2.45 -10.93 -12.83
CB LLP B 256 -1.10 -11.09 -13.55
CG LLP B 256 -0.34 -9.73 -13.71
CD LLP B 256 0.95 -9.63 -12.93
CE LLP B 256 1.63 -8.23 -13.14
NZ LLP B 256 3.13 -8.24 -12.95
C LLP B 256 -3.29 -12.21 -12.82
O LLP B 256 -4.28 -12.32 -13.56
N ASN B 257 -2.92 -13.17 -11.98
CA ASN B 257 -3.65 -14.42 -11.97
C ASN B 257 -5.05 -14.38 -11.34
N PHE B 258 -5.38 -13.29 -10.62
CA PHE B 258 -6.75 -13.05 -10.17
C PHE B 258 -7.39 -11.83 -10.85
N GLY B 259 -6.65 -11.17 -11.74
CA GLY B 259 -7.14 -9.98 -12.40
C GLY B 259 -7.49 -8.87 -11.41
N LEU B 260 -6.69 -8.79 -10.34
CA LEU B 260 -6.93 -7.85 -9.24
C LEU B 260 -5.94 -6.69 -9.22
N TYR B 261 -5.40 -6.37 -10.40
CA TYR B 261 -4.35 -5.35 -10.55
C TYR B 261 -4.48 -4.16 -9.60
N ASN B 262 -5.58 -3.43 -9.70
CA ASN B 262 -5.73 -2.20 -8.95
C ASN B 262 -6.04 -2.35 -7.46
N GLU B 263 -6.25 -3.59 -6.99
CA GLU B 263 -6.54 -3.78 -5.57
C GLU B 263 -5.28 -3.97 -4.75
N ARG B 264 -4.18 -4.22 -5.44
CA ARG B 264 -2.84 -4.33 -4.82
C ARG B 264 -2.74 -5.46 -3.81
N VAL B 265 -2.73 -6.67 -4.35
CA VAL B 265 -2.73 -7.90 -3.57
C VAL B 265 -1.51 -8.72 -3.91
N GLY B 266 -0.67 -8.96 -2.91
CA GLY B 266 0.52 -9.77 -3.08
C GLY B 266 1.05 -10.08 -1.70
N ALA B 267 2.26 -10.61 -1.63
CA ALA B 267 2.80 -11.03 -0.34
C ALA B 267 4.31 -11.14 -0.38
N CYS B 268 4.92 -10.94 0.79
CA CYS B 268 6.32 -11.24 0.96
C CYS B 268 6.44 -12.37 1.95
N THR B 269 7.06 -13.47 1.52
CA THR B 269 7.22 -14.66 2.34
C THR B 269 8.70 -14.81 2.67
N LEU B 270 8.98 -14.99 3.96
CA LEU B 270 10.33 -15.31 4.41
C LEU B 270 10.41 -16.78 4.76
N VAL B 271 11.52 -17.42 4.37
CA VAL B 271 11.84 -18.76 4.82
C VAL B 271 13.20 -18.72 5.51
N ALA B 272 13.31 -19.35 6.68
CA ALA B 272 14.58 -19.45 7.38
C ALA B 272 14.83 -20.89 7.80
N ALA B 273 15.97 -21.15 8.43
CA ALA B 273 16.37 -22.52 8.73
C ALA B 273 15.44 -23.20 9.73
N ASP B 274 14.93 -22.41 10.67
CA ASP B 274 14.02 -22.94 11.69
C ASP B 274 12.96 -21.91 12.06
N SER B 275 11.99 -22.36 12.85
CA SER B 275 10.89 -21.51 13.29
C SER B 275 11.35 -20.28 14.07
N GLU B 276 12.28 -20.47 15.00
CA GLU B 276 12.73 -19.33 15.79
C GLU B 276 13.36 -18.25 14.91
N THR B 277 14.19 -18.66 13.95
CA THR B 277 14.87 -17.70 13.11
C THR B 277 13.87 -16.95 12.23
N VAL B 278 12.94 -17.68 11.63
CA VAL B 278 12.00 -17.00 10.74
C VAL B 278 11.11 -16.07 11.54
N ASP B 279 10.78 -16.44 12.79
CA ASP B 279 10.02 -15.54 13.66
C ASP B 279 10.78 -14.24 13.96
N ARG B 280 12.08 -14.33 14.25
CA ARG B 280 12.86 -13.11 14.52
C ARG B 280 12.92 -12.23 13.28
N ALA B 281 13.23 -12.84 12.15
CA ALA B 281 13.29 -12.12 10.88
C ALA B 281 11.94 -11.47 10.59
N PHE B 282 10.87 -12.24 10.76
CA PHE B 282 9.53 -11.73 10.47
C PHE B 282 9.14 -10.55 11.37
N SER B 283 9.58 -10.58 12.63
CA SER B 283 9.31 -9.47 13.52
C SER B 283 9.92 -8.19 12.97
N GLN B 284 11.10 -8.31 12.36
CA GLN B 284 11.76 -7.14 11.78
C GLN B 284 11.14 -6.73 10.45
N MET B 285 10.62 -7.70 9.70
N MET B 285 10.62 -7.68 9.69
CA MET B 285 9.86 -7.38 8.49
CA MET B 285 9.94 -7.31 8.46
C MET B 285 8.63 -6.56 8.86
C MET B 285 8.63 -6.59 8.76
N LYS B 286 7.92 -7.00 9.90
N LYS B 286 7.99 -6.94 9.87
CA LYS B 286 6.79 -6.24 10.41
CA LYS B 286 6.79 -6.22 10.30
C LYS B 286 7.20 -4.80 10.71
C LYS B 286 7.14 -4.82 10.81
N ALA B 287 8.36 -4.64 11.34
CA ALA B 287 8.83 -3.29 11.65
C ALA B 287 9.01 -2.46 10.37
N ALA B 288 9.49 -3.08 9.30
CA ALA B 288 9.66 -2.39 8.03
C ALA B 288 8.32 -1.95 7.47
N ILE B 289 7.32 -2.80 7.66
CA ILE B 289 5.94 -2.48 7.24
C ILE B 289 5.35 -1.35 8.08
N ARG B 290 5.60 -1.38 9.38
CA ARG B 290 5.08 -0.33 10.27
C ARG B 290 5.62 1.06 9.90
N ALA B 291 6.83 1.10 9.38
CA ALA B 291 7.44 2.38 8.97
C ALA B 291 7.03 2.82 7.56
N ASN B 292 6.19 2.02 6.93
CA ASN B 292 5.76 2.29 5.55
C ASN B 292 4.25 2.58 5.57
N TYR B 293 3.43 1.61 5.18
CA TYR B 293 1.97 1.81 5.06
C TYR B 293 1.14 1.14 6.18
N SER B 294 1.86 0.56 7.13
N SER B 294 1.77 0.47 7.14
CA SER B 294 1.28 -0.29 8.14
CA SER B 294 1.07 0.04 8.40
C SER B 294 0.49 -1.40 7.49
C SER B 294 0.33 -1.33 8.48
N SER B 295 -0.79 -1.49 7.76
CA SER B 295 -1.44 -2.75 7.43
C SER B 295 -1.79 -2.71 5.94
N PRO B 296 -1.90 -3.89 5.30
CA PRO B 296 -2.14 -3.92 3.86
C PRO B 296 -3.63 -3.81 3.52
N PRO B 297 -3.95 -3.49 2.26
CA PRO B 297 -5.35 -3.30 1.85
C PRO B 297 -6.14 -4.62 1.83
N ALA B 298 -7.27 -4.63 2.52
CA ALA B 298 -8.00 -5.86 2.78
C ALA B 298 -8.75 -6.44 1.58
N HIS B 299 -9.37 -5.58 0.78
CA HIS B 299 -10.36 -6.07 -0.19
C HIS B 299 -9.83 -7.18 -1.10
N GLY B 300 -8.70 -6.94 -1.75
CA GLY B 300 -8.17 -7.91 -2.69
C GLY B 300 -7.76 -9.22 -2.03
N ALA B 301 -7.13 -9.14 -0.86
CA ALA B 301 -6.74 -10.33 -0.13
C ALA B 301 -7.95 -11.14 0.34
N SER B 302 -8.97 -10.42 0.79
N SER B 302 -9.00 -10.43 0.75
CA SER B 302 -10.22 -11.07 1.18
CA SER B 302 -10.21 -11.09 1.19
C SER B 302 -10.82 -11.84 0.01
C SER B 302 -10.92 -11.79 0.03
N VAL B 303 -10.83 -11.20 -1.16
CA VAL B 303 -11.32 -11.85 -2.35
C VAL B 303 -10.56 -13.14 -2.63
N VAL B 304 -9.23 -13.07 -2.58
CA VAL B 304 -8.40 -14.24 -2.87
C VAL B 304 -8.65 -15.36 -1.86
N ALA B 305 -8.72 -15.01 -0.58
CA ALA B 305 -8.96 -16.02 0.45
C ALA B 305 -10.35 -16.65 0.30
N THR B 306 -11.33 -15.83 -0.07
CA THR B 306 -12.71 -16.29 -0.26
C THR B 306 -12.78 -17.31 -1.39
N ILE B 307 -12.11 -17.02 -2.50
CA ILE B 307 -12.06 -17.95 -3.63
C ILE B 307 -11.31 -19.23 -3.27
N LEU B 308 -10.11 -19.11 -2.71
CA LEU B 308 -9.25 -20.27 -2.51
C LEU B 308 -9.75 -21.23 -1.44
N SER B 309 -10.54 -20.70 -0.51
N SER B 309 -10.54 -20.71 -0.50
CA SER B 309 -11.01 -21.49 0.63
CA SER B 309 -10.99 -21.53 0.63
C SER B 309 -12.38 -22.12 0.38
C SER B 309 -12.32 -22.23 0.33
N ASN B 310 -12.90 -21.94 -0.84
CA ASN B 310 -14.17 -22.54 -1.22
C ASN B 310 -13.98 -23.39 -2.48
N ASP B 311 -14.27 -24.69 -2.39
CA ASP B 311 -14.01 -25.60 -3.50
C ASP B 311 -14.69 -25.18 -4.81
N ALA B 312 -15.96 -24.80 -4.75
CA ALA B 312 -16.69 -24.40 -5.95
C ALA B 312 -16.13 -23.13 -6.59
N LEU B 313 -15.88 -22.10 -5.79
N LEU B 313 -15.85 -22.12 -5.77
CA LEU B 313 -15.33 -20.85 -6.32
CA LEU B 313 -15.34 -20.86 -6.28
C LEU B 313 -13.94 -21.08 -6.85
C LEU B 313 -13.92 -21.02 -6.80
N ARG B 314 -13.15 -21.88 -6.12
CA ARG B 314 -11.78 -22.16 -6.54
C ARG B 314 -11.76 -22.81 -7.90
N ALA B 315 -12.71 -23.70 -8.16
CA ALA B 315 -12.81 -24.38 -9.45
C ALA B 315 -13.15 -23.41 -10.56
N ILE B 316 -14.05 -22.46 -10.27
CA ILE B 316 -14.40 -21.44 -11.25
C ILE B 316 -13.17 -20.57 -11.59
N TRP B 317 -12.42 -20.15 -10.56
CA TRP B 317 -11.21 -19.37 -10.76
C TRP B 317 -10.18 -20.16 -11.57
N GLU B 318 -9.92 -21.42 -11.20
CA GLU B 318 -8.93 -22.20 -11.93
C GLU B 318 -9.30 -22.35 -13.40
N GLN B 319 -10.58 -22.56 -13.70
CA GLN B 319 -10.99 -22.70 -15.08
C GLN B 319 -10.76 -21.41 -15.85
N GLU B 320 -11.06 -20.29 -15.21
N GLU B 320 -11.07 -20.28 -15.22
CA GLU B 320 -10.87 -18.97 -15.80
CA GLU B 320 -10.85 -18.99 -15.86
C GLU B 320 -9.39 -18.67 -16.10
C GLU B 320 -9.37 -18.79 -16.17
N LEU B 321 -8.53 -19.06 -15.17
CA LEU B 321 -7.09 -18.90 -15.34
C LEU B 321 -6.57 -19.83 -16.44
N THR B 322 -7.07 -21.07 -16.48
CA THR B 322 -6.73 -21.99 -17.56
C THR B 322 -7.12 -21.40 -18.92
N ASP B 323 -8.30 -20.79 -18.98
CA ASP B 323 -8.77 -20.21 -20.24
C ASP B 323 -7.85 -19.07 -20.67
N MET B 324 -7.36 -18.29 -19.73
N MET B 324 -7.37 -18.27 -19.73
CA MET B 324 -6.45 -17.18 -20.04
CA MET B 324 -6.44 -17.20 -20.04
C MET B 324 -5.10 -17.71 -20.52
C MET B 324 -5.12 -17.76 -20.57
N ARG B 325 -4.57 -18.72 -19.84
CA ARG B 325 -3.31 -19.32 -20.22
C ARG B 325 -3.42 -19.89 -21.63
N GLN B 326 -4.52 -20.57 -21.91
CA GLN B 326 -4.70 -21.18 -23.21
C GLN B 326 -4.91 -20.15 -24.32
N ARG B 327 -5.60 -19.04 -24.03
CA ARG B 327 -5.72 -18.00 -25.04
C ARG B 327 -4.34 -17.43 -25.41
N ILE B 328 -3.49 -17.24 -24.41
CA ILE B 328 -2.15 -16.70 -24.65
C ILE B 328 -1.37 -17.69 -25.52
N GLN B 329 -1.46 -18.97 -25.19
CA GLN B 329 -0.77 -19.97 -25.98
C GLN B 329 -1.28 -19.99 -27.42
N ARG B 330 -2.60 -19.88 -27.58
CA ARG B 330 -3.20 -19.85 -28.93
C ARG B 330 -2.70 -18.65 -29.73
N MET B 331 -2.62 -17.49 -29.09
CA MET B 331 -2.15 -16.30 -29.79
C MET B 331 -0.67 -16.41 -30.17
N ARG B 332 0.14 -17.01 -29.29
CA ARG B 332 1.54 -17.26 -29.64
C ARG B 332 1.63 -18.13 -30.89
N GLN B 333 0.86 -19.20 -30.94
CA GLN B 333 0.90 -20.11 -32.08
C GLN B 333 0.38 -19.41 -33.35
N LEU B 334 -0.68 -18.64 -33.21
CA LEU B 334 -1.30 -17.99 -34.35
C LEU B 334 -0.40 -16.88 -34.91
N PHE B 335 0.30 -16.20 -34.02
CA PHE B 335 1.23 -15.15 -34.42
C PHE B 335 2.33 -15.74 -35.31
N VAL B 336 2.97 -16.81 -34.82
CA VAL B 336 4.00 -17.47 -35.61
C VAL B 336 3.48 -17.94 -36.97
N ASN B 337 2.32 -18.61 -36.98
CA ASN B 337 1.80 -19.13 -38.23
C ASN B 337 1.42 -18.03 -39.20
N THR B 338 0.90 -16.93 -38.68
CA THR B 338 0.46 -15.82 -39.51
C THR B 338 1.65 -15.02 -40.08
N LEU B 339 2.70 -14.86 -39.28
CA LEU B 339 3.94 -14.26 -39.79
C LEU B 339 4.48 -15.07 -40.95
N GLN B 340 4.44 -16.39 -40.81
CA GLN B 340 4.88 -17.29 -41.88
C GLN B 340 4.02 -17.09 -43.12
N GLU B 341 2.70 -17.08 -42.96
CA GLU B 341 1.85 -16.95 -44.15
C GLU B 341 1.93 -15.56 -44.80
N LYS B 342 2.34 -14.56 -44.03
CA LYS B 342 2.52 -13.21 -44.57
C LYS B 342 3.93 -13.01 -45.14
N GLY B 343 4.76 -14.05 -45.08
CA GLY B 343 6.05 -14.03 -45.75
C GLY B 343 7.20 -13.43 -44.97
N ALA B 344 7.15 -13.52 -43.64
CA ALA B 344 8.24 -12.98 -42.83
C ALA B 344 9.54 -13.59 -43.31
N ASN B 345 10.57 -12.76 -43.38
CA ASN B 345 11.83 -13.20 -43.97
C ASN B 345 12.76 -13.89 -43.00
N ARG B 346 12.23 -14.19 -41.81
CA ARG B 346 12.97 -14.96 -40.81
C ARG B 346 12.06 -15.71 -39.85
N ASP B 347 12.68 -16.55 -39.02
CA ASP B 347 11.96 -17.44 -38.12
C ASP B 347 11.55 -16.76 -36.82
N PHE B 348 10.30 -16.99 -36.42
CA PHE B 348 9.79 -16.48 -35.15
C PHE B 348 9.31 -17.59 -34.21
N SER B 349 9.78 -18.82 -34.42
CA SER B 349 9.29 -19.96 -33.63
C SER B 349 9.61 -19.84 -32.14
N PHE B 350 10.56 -18.97 -31.79
CA PHE B 350 10.87 -18.76 -30.38
C PHE B 350 9.64 -18.35 -29.60
N ILE B 351 8.71 -17.69 -30.29
CA ILE B 351 7.47 -17.26 -29.66
C ILE B 351 6.66 -18.42 -29.05
N ILE B 352 6.70 -19.58 -29.69
N ILE B 352 6.69 -19.59 -29.69
CA ILE B 352 5.99 -20.75 -29.18
CA ILE B 352 5.97 -20.74 -29.15
C ILE B 352 6.69 -21.30 -27.92
C ILE B 352 6.84 -21.60 -28.20
N LYS B 353 8.00 -21.06 -27.82
CA LYS B 353 8.85 -21.67 -26.81
C LYS B 353 8.93 -20.80 -25.55
N GLN B 354 8.08 -19.79 -25.51
CA GLN B 354 8.09 -18.82 -24.42
C GLN B 354 6.75 -18.77 -23.69
N ASN B 355 6.81 -18.42 -22.40
CA ASN B 355 5.68 -18.56 -21.47
C ASN B 355 5.15 -17.23 -21.00
N GLY B 356 3.83 -17.06 -20.99
CA GLY B 356 3.23 -15.86 -20.46
C GLY B 356 2.86 -14.85 -21.54
N MET B 357 2.46 -13.65 -21.15
N MET B 357 2.47 -13.66 -21.12
CA MET B 357 1.94 -12.74 -22.16
CA MET B 357 1.96 -12.65 -22.06
C MET B 357 3.00 -11.87 -22.83
C MET B 357 3.04 -12.00 -22.90
N PHE B 358 4.24 -11.91 -22.35
CA PHE B 358 5.29 -11.06 -22.90
C PHE B 358 6.40 -11.80 -23.63
N SER B 359 6.86 -11.21 -24.74
CA SER B 359 8.09 -11.63 -25.39
C SER B 359 8.77 -10.42 -25.97
N PHE B 360 10.08 -10.51 -26.16
CA PHE B 360 10.77 -9.53 -27.00
C PHE B 360 10.52 -9.92 -28.44
N SER B 361 10.00 -8.98 -29.23
CA SER B 361 9.77 -9.22 -30.65
C SER B 361 11.06 -9.37 -31.46
N GLY B 362 12.13 -8.75 -30.99
CA GLY B 362 13.37 -8.71 -31.74
C GLY B 362 13.42 -7.55 -32.73
N LEU B 363 12.38 -6.72 -32.71
CA LEU B 363 12.35 -5.51 -33.54
C LEU B 363 13.23 -4.42 -32.94
N THR B 364 13.87 -3.64 -33.81
CA THR B 364 14.71 -2.53 -33.39
C THR B 364 13.86 -1.32 -33.04
N LYS B 365 14.44 -0.33 -32.39
CA LYS B 365 13.65 0.85 -32.02
C LYS B 365 13.16 1.56 -33.29
N GLU B 366 13.96 1.50 -34.36
CA GLU B 366 13.57 2.09 -35.63
C GLU B 366 12.35 1.39 -36.23
N GLN B 367 12.33 0.06 -36.13
CA GLN B 367 11.20 -0.71 -36.63
C GLN B 367 9.97 -0.47 -35.78
N VAL B 368 10.15 -0.38 -34.46
CA VAL B 368 9.07 -0.04 -33.56
C VAL B 368 8.46 1.32 -33.92
N LEU B 369 9.31 2.32 -34.15
CA LEU B 369 8.83 3.65 -34.52
C LEU B 369 8.04 3.61 -35.82
N ARG B 370 8.58 2.93 -36.83
CA ARG B 370 7.89 2.80 -38.10
C ARG B 370 6.54 2.10 -37.97
N LEU B 371 6.50 1.04 -37.17
CA LEU B 371 5.24 0.35 -36.93
C LEU B 371 4.17 1.29 -36.40
N ARG B 372 4.54 2.17 -35.48
CA ARG B 372 3.59 3.12 -34.92
C ARG B 372 3.19 4.17 -35.96
N GLU B 373 4.19 4.85 -36.52
CA GLU B 373 3.90 5.97 -37.41
C GLU B 373 3.17 5.55 -38.67
N GLU B 374 3.65 4.48 -39.29
CA GLU B 374 3.13 4.06 -40.59
C GLU B 374 1.93 3.12 -40.47
N PHE B 375 1.91 2.27 -39.45
CA PHE B 375 0.93 1.19 -39.42
C PHE B 375 -0.01 1.19 -38.22
N GLY B 376 0.21 2.09 -37.27
CA GLY B 376 -0.62 2.16 -36.08
C GLY B 376 -0.50 0.97 -35.15
N VAL B 377 0.60 0.24 -35.26
CA VAL B 377 0.90 -0.88 -34.37
C VAL B 377 1.84 -0.36 -33.32
N TYR B 378 1.41 -0.41 -32.06
CA TYR B 378 2.17 0.16 -30.94
C TYR B 378 2.87 -0.92 -30.13
N ALA B 379 4.16 -0.73 -29.89
CA ALA B 379 4.89 -1.58 -28.96
C ALA B 379 5.82 -0.66 -28.19
N VAL B 380 6.37 -1.15 -27.08
CA VAL B 380 7.30 -0.31 -26.33
C VAL B 380 8.70 -0.34 -26.99
N ALA B 381 9.52 0.64 -26.66
CA ALA B 381 10.80 0.85 -27.36
C ALA B 381 11.73 -0.37 -27.36
N SER B 382 11.66 -1.16 -26.30
CA SER B 382 12.47 -2.37 -26.17
C SER B 382 12.07 -3.46 -27.17
N GLY B 383 10.92 -3.30 -27.81
CA GLY B 383 10.39 -4.33 -28.69
C GLY B 383 9.54 -5.36 -27.97
N ARG B 384 9.35 -5.18 -26.66
CA ARG B 384 8.44 -6.04 -25.90
C ARG B 384 7.04 -5.96 -26.48
N ILE B 385 6.43 -7.12 -26.67
CA ILE B 385 5.06 -7.20 -27.12
C ILE B 385 4.26 -8.05 -26.14
N ASN B 386 2.97 -7.76 -26.06
CA ASN B 386 2.03 -8.51 -25.23
C ASN B 386 1.11 -9.24 -26.18
N VAL B 387 1.25 -10.57 -26.19
CA VAL B 387 0.44 -11.36 -27.14
C VAL B 387 -1.05 -11.35 -26.79
N ALA B 388 -1.40 -10.95 -25.57
CA ALA B 388 -2.83 -10.81 -25.25
C ALA B 388 -3.44 -9.57 -25.92
N GLY B 389 -2.63 -8.72 -26.53
CA GLY B 389 -3.14 -7.65 -27.37
C GLY B 389 -3.51 -8.15 -28.77
N MET B 390 -3.26 -9.43 -29.04
CA MET B 390 -3.57 -10.04 -30.33
C MET B 390 -4.89 -10.79 -30.24
N THR B 391 -5.60 -10.81 -31.37
CA THR B 391 -6.84 -11.56 -31.49
C THR B 391 -6.87 -12.20 -32.86
N PRO B 392 -7.75 -13.20 -33.05
CA PRO B 392 -7.87 -13.78 -34.38
C PRO B 392 -8.24 -12.74 -35.44
N ASP B 393 -8.95 -11.69 -35.03
CA ASP B 393 -9.39 -10.68 -35.99
C ASP B 393 -8.35 -9.60 -36.31
N ASN B 394 -7.45 -9.29 -35.37
CA ASN B 394 -6.43 -8.30 -35.69
C ASN B 394 -5.10 -8.89 -36.11
N MET B 395 -4.97 -10.22 -36.08
CA MET B 395 -3.68 -10.86 -36.32
C MET B 395 -3.11 -10.64 -37.72
N ALA B 396 -3.94 -10.79 -38.76
CA ALA B 396 -3.42 -10.69 -40.12
C ALA B 396 -2.82 -9.32 -40.45
N PRO B 397 -3.56 -8.22 -40.21
CA PRO B 397 -2.95 -6.92 -40.53
C PRO B 397 -1.74 -6.57 -39.66
N LEU B 398 -1.79 -6.98 -38.40
N LEU B 398 -1.73 -6.97 -38.39
CA LEU B 398 -0.66 -6.84 -37.50
CA LEU B 398 -0.55 -6.67 -37.57
C LEU B 398 0.58 -7.45 -38.14
C LEU B 398 0.67 -7.48 -38.04
N CYS B 399 0.45 -8.70 -38.52
CA CYS B 399 1.56 -9.47 -39.08
C CYS B 399 2.03 -8.94 -40.42
N GLU B 400 1.10 -8.46 -41.23
CA GLU B 400 1.48 -7.86 -42.50
C GLU B 400 2.32 -6.62 -42.25
N ALA B 401 1.95 -5.82 -41.25
CA ALA B 401 2.73 -4.64 -40.88
C ALA B 401 4.14 -5.01 -40.42
N ILE B 402 4.23 -6.00 -39.55
CA ILE B 402 5.54 -6.43 -39.07
C ILE B 402 6.41 -6.92 -40.23
N VAL B 403 5.84 -7.74 -41.10
CA VAL B 403 6.59 -8.27 -42.23
C VAL B 403 7.14 -7.12 -43.06
N ALA B 404 6.34 -6.07 -43.23
CA ALA B 404 6.71 -4.92 -44.05
C ALA B 404 7.89 -4.11 -43.51
N VAL B 405 8.15 -4.18 -42.21
CA VAL B 405 9.25 -3.40 -41.62
C VAL B 405 10.53 -4.21 -41.42
N LEU B 406 10.47 -5.52 -41.65
CA LEU B 406 11.63 -6.39 -41.45
C LEU B 406 12.74 -6.14 -42.48
C1 EDO C . -5.18 16.80 -8.30
O1 EDO C . -4.10 15.89 -8.06
C2 EDO C . -6.47 16.27 -7.67
C1 EDO D . -9.96 14.36 4.44
O1 EDO D . -9.82 14.73 5.82
C2 EDO D . -9.94 12.84 4.32
O2 EDO D . -11.17 12.32 4.86
C1 EDO E . -20.44 15.46 8.98
O1 EDO E . -20.54 14.96 10.31
C2 EDO E . -20.85 16.93 8.95
O2 EDO E . -19.98 17.71 9.78
C1 EDO F . 13.89 3.96 3.43
O1 EDO F . 13.38 2.81 2.74
C2 EDO F . 13.11 5.18 2.96
O2 EDO F . 11.90 5.29 3.72
C1 EDO G . 5.16 31.37 30.40
O1 EDO G . 5.15 31.14 31.81
C2 EDO G . 3.73 31.41 29.87
O2 EDO G . 3.06 30.17 30.18
C1 EDO H . 23.06 -17.05 2.36
O1 EDO H . 23.51 -16.73 3.68
C2 EDO H . 21.56 -17.24 2.36
O2 EDO H . 21.20 -18.42 3.09
C1 EDO I . -4.92 5.01 17.21
O1 EDO I . -3.74 5.82 17.19
C2 EDO I . -5.52 4.95 15.81
O2 EDO I . -4.57 4.37 14.91
C1 EDO J . 2.22 -17.61 7.97
O1 EDO J . 2.67 -16.26 8.14
C2 EDO J . 1.12 -17.74 6.92
O2 EDO J . -0.06 -17.07 7.37
C1 EDO K . 1.01 -16.95 -5.66
O1 EDO K . 1.83 -17.05 -6.84
C2 EDO K . 0.16 -15.68 -5.74
O2 EDO K . -0.90 -15.90 -6.69
C1 EDO L . 29.96 -21.61 -24.19
O1 EDO L . 30.25 -21.54 -25.60
C2 EDO L . 28.67 -22.38 -23.94
O2 EDO L . 27.56 -21.69 -24.54
C1 EDO M . -3.06 -1.34 12.39
O1 EDO M . -1.83 -0.67 12.10
C2 EDO M . -2.77 -2.76 12.85
O2 EDO M . -1.97 -3.42 11.88
C1 EDO N . 4.27 -22.67 7.78
O1 EDO N . 5.53 -22.10 8.14
C2 EDO N . 3.17 -22.16 8.70
O2 EDO N . 2.91 -20.78 8.40
C1 EDO O . 19.56 -17.34 -35.59
O1 EDO O . 20.40 -16.28 -35.11
C2 EDO O . 19.62 -17.34 -37.11
O2 EDO O . 19.49 -16.00 -37.60
#